data_3PPI
#
_entry.id   3PPI
#
_cell.length_a   118.810
_cell.length_b   161.150
_cell.length_c   65.570
_cell.angle_alpha   90.00
_cell.angle_beta   90.00
_cell.angle_gamma   90.00
#
_symmetry.space_group_name_H-M   'P 21 21 2'
#
loop_
_entity.id
_entity.type
_entity.pdbx_description
1 polymer '3-hydroxyacyl-CoA dehydrogenase type-2'
2 non-polymer 'MAGNESIUM ION'
3 non-polymer GLYCEROL
4 water water
#
_entity_poly.entity_id   1
_entity_poly.type   'polypeptide(L)'
_entity_poly.pdbx_seq_one_letter_code
;MAHHHHHHMGTLEAQTQGPGSMVTIKQFEGASAIVSGGAGGLGEATVRRLHADGLGVVIADLAAEKGKALADELGNRAEF
VSTNVTSEDSVLAAIEAANQLGRLRYAVVAHGGFGVAQRIVQRDGSPADMGGFTKTIDLYLNGTYNVARLVAASIAAAEP
RENGERGALVLTASIAGYEGQIGQTAYAAAKAGVIGLTIAAARDLSSAGIRVNTIAPGTMKTPIMESVGEEALAKFAANI
PFPKRLGTPDEFADAAAFLLTNGYINGEVMRLDGAQRFTPK
;
_entity_poly.pdbx_strand_id   A,B,C,D
#
loop_
_chem_comp.id
_chem_comp.type
_chem_comp.name
_chem_comp.formula
GOL non-polymer GLYCEROL 'C3 H8 O3'
MG non-polymer 'MAGNESIUM ION' 'Mg 2'
#
# COMPACT_ATOMS: atom_id res chain seq x y z
N THR A 24 -35.51 -10.60 -9.33
CA THR A 24 -34.24 -10.07 -9.89
C THR A 24 -34.01 -8.67 -9.38
N ILE A 25 -32.78 -8.39 -8.96
CA ILE A 25 -32.47 -7.08 -8.42
C ILE A 25 -32.46 -6.05 -9.54
N LYS A 26 -32.81 -4.82 -9.22
CA LYS A 26 -32.98 -3.76 -10.23
C LYS A 26 -31.73 -3.56 -11.11
N GLN A 27 -30.54 -3.60 -10.51
CA GLN A 27 -29.29 -3.48 -11.28
C GLN A 27 -29.25 -4.48 -12.46
N PHE A 28 -29.76 -5.68 -12.25
CA PHE A 28 -29.57 -6.78 -13.20
C PHE A 28 -30.71 -6.99 -14.20
N GLU A 29 -31.82 -6.27 -14.06
CA GLU A 29 -32.97 -6.45 -14.94
C GLU A 29 -32.58 -6.21 -16.40
N GLY A 30 -32.81 -7.19 -17.24
CA GLY A 30 -32.56 -7.08 -18.68
C GLY A 30 -31.08 -7.17 -19.06
N ALA A 31 -30.22 -7.43 -18.10
CA ALA A 31 -28.77 -7.37 -18.34
C ALA A 31 -28.12 -8.75 -18.48
N SER A 32 -26.93 -8.74 -19.07
CA SER A 32 -26.10 -9.93 -19.19
C SER A 32 -24.66 -9.68 -18.76
N ALA A 33 -23.94 -10.76 -18.54
CA ALA A 33 -22.59 -10.75 -18.02
C ALA A 33 -21.75 -11.82 -18.71
N ILE A 34 -20.45 -11.58 -18.80
CA ILE A 34 -19.48 -12.59 -19.27
C ILE A 34 -18.55 -12.91 -18.10
N VAL A 35 -18.32 -14.20 -17.86
CA VAL A 35 -17.33 -14.60 -16.87
C VAL A 35 -16.24 -15.38 -17.55
N SER A 36 -15.03 -14.81 -17.59
CA SER A 36 -13.87 -15.55 -18.11
C SER A 36 -13.44 -16.58 -17.06
N GLY A 37 -12.96 -17.73 -17.52
CA GLY A 37 -12.75 -18.88 -16.63
C GLY A 37 -14.04 -19.42 -16.03
N GLY A 38 -15.16 -19.24 -16.72
CA GLY A 38 -16.47 -19.55 -16.16
C GLY A 38 -16.80 -21.02 -16.01
N ALA A 39 -16.01 -21.90 -16.63
CA ALA A 39 -16.29 -23.34 -16.66
C ALA A 39 -15.93 -24.07 -15.38
N GLY A 40 -15.11 -23.49 -14.53
CA GLY A 40 -14.77 -24.13 -13.25
C GLY A 40 -14.26 -23.19 -12.19
N GLY A 41 -14.10 -23.71 -10.98
CA GLY A 41 -13.47 -23.00 -9.89
C GLY A 41 -14.17 -21.71 -9.52
N LEU A 42 -13.39 -20.64 -9.40
CA LEU A 42 -13.94 -19.36 -8.99
C LEU A 42 -14.95 -18.83 -10.01
N GLY A 43 -14.62 -18.98 -11.29
CA GLY A 43 -15.48 -18.52 -12.36
C GLY A 43 -16.83 -19.24 -12.40
N GLU A 44 -16.81 -20.57 -12.21
CA GLU A 44 -18.06 -21.32 -12.16
C GLU A 44 -18.97 -20.79 -11.04
N ALA A 45 -18.40 -20.57 -9.86
CA ALA A 45 -19.21 -20.11 -8.73
C ALA A 45 -19.82 -18.72 -9.03
N THR A 46 -19.05 -17.90 -9.74
CA THR A 46 -19.50 -16.58 -10.14
C THR A 46 -20.65 -16.71 -11.14
N VAL A 47 -20.48 -17.57 -12.14
CA VAL A 47 -21.55 -17.83 -13.09
C VAL A 47 -22.85 -18.25 -12.38
N ARG A 48 -22.75 -19.25 -11.50
CA ARG A 48 -23.91 -19.76 -10.78
C ARG A 48 -24.59 -18.63 -9.99
N ARG A 49 -23.80 -17.81 -9.31
CA ARG A 49 -24.32 -16.70 -8.51
C ARG A 49 -25.00 -15.65 -9.37
N LEU A 50 -24.31 -15.19 -10.42
CA LEU A 50 -24.88 -14.14 -11.26
C LEU A 50 -26.15 -14.63 -11.98
N HIS A 51 -26.14 -15.89 -12.41
CA HIS A 51 -27.31 -16.50 -13.03
C HIS A 51 -28.50 -16.57 -12.06
N ALA A 52 -28.25 -17.04 -10.84
CA ALA A 52 -29.27 -17.06 -9.79
C ALA A 52 -29.80 -15.66 -9.44
N ASP A 53 -28.95 -14.64 -9.56
CA ASP A 53 -29.38 -13.25 -9.31
C ASP A 53 -30.14 -12.59 -10.44
N GLY A 54 -30.34 -13.30 -11.54
CA GLY A 54 -31.20 -12.82 -12.62
C GLY A 54 -30.50 -12.37 -13.88
N LEU A 55 -29.16 -12.47 -13.93
CA LEU A 55 -28.42 -12.10 -15.15
C LEU A 55 -28.39 -13.24 -16.17
N GLY A 56 -28.39 -12.88 -17.45
CA GLY A 56 -27.99 -13.81 -18.50
C GLY A 56 -26.48 -13.86 -18.42
N VAL A 57 -25.88 -15.05 -18.55
CA VAL A 57 -24.44 -15.22 -18.37
C VAL A 57 -23.78 -16.01 -19.49
N VAL A 58 -22.65 -15.49 -19.98
CA VAL A 58 -21.83 -16.21 -20.93
C VAL A 58 -20.66 -16.83 -20.17
N ILE A 59 -20.54 -18.14 -20.28
CA ILE A 59 -19.43 -18.89 -19.72
C ILE A 59 -18.33 -18.85 -20.78
N ALA A 60 -17.32 -18.01 -20.57
CA ALA A 60 -16.23 -17.82 -21.50
C ALA A 60 -15.03 -18.60 -21.02
N ASP A 61 -14.75 -19.71 -21.69
CA ASP A 61 -13.71 -20.62 -21.25
C ASP A 61 -13.23 -21.48 -22.42
N LEU A 62 -12.05 -22.09 -22.29
CA LEU A 62 -11.55 -23.05 -23.27
C LEU A 62 -11.95 -24.49 -22.90
N ALA A 63 -12.33 -24.72 -21.65
CA ALA A 63 -12.79 -26.04 -21.19
C ALA A 63 -14.20 -26.33 -21.72
N ALA A 64 -14.26 -26.88 -22.94
CA ALA A 64 -15.52 -27.04 -23.68
C ALA A 64 -16.54 -27.98 -23.03
N GLU A 65 -16.09 -29.12 -22.51
CA GLU A 65 -17.01 -30.13 -21.92
C GLU A 65 -17.60 -29.63 -20.60
N LYS A 66 -16.74 -29.15 -19.71
CA LYS A 66 -17.20 -28.56 -18.45
C LYS A 66 -18.10 -27.35 -18.67
N GLY A 67 -17.69 -26.46 -19.56
CA GLY A 67 -18.45 -25.25 -19.89
C GLY A 67 -19.82 -25.53 -20.47
N LYS A 68 -19.90 -26.46 -21.43
CA LYS A 68 -21.16 -26.82 -22.07
C LYS A 68 -22.08 -27.47 -21.05
N ALA A 69 -21.50 -28.36 -20.23
CA ALA A 69 -22.22 -29.04 -19.15
C ALA A 69 -22.83 -28.02 -18.18
N LEU A 70 -22.05 -27.02 -17.78
CA LEU A 70 -22.56 -26.00 -16.88
C LEU A 70 -23.68 -25.16 -17.53
N ALA A 71 -23.47 -24.79 -18.79
CA ALA A 71 -24.50 -24.03 -19.52
C ALA A 71 -25.80 -24.82 -19.67
N ASP A 72 -25.68 -26.12 -19.94
CA ASP A 72 -26.85 -27.00 -20.06
C ASP A 72 -27.56 -27.14 -18.72
N GLU A 73 -26.80 -27.38 -17.65
CA GLU A 73 -27.37 -27.50 -16.31
C GLU A 73 -28.17 -26.27 -15.93
N LEU A 74 -27.68 -25.08 -16.26
CA LEU A 74 -28.32 -23.83 -15.82
C LEU A 74 -29.52 -23.41 -16.68
N GLY A 75 -29.55 -23.86 -17.94
CA GLY A 75 -30.69 -23.57 -18.83
C GLY A 75 -30.45 -22.42 -19.79
N ASN A 76 -31.54 -21.85 -20.29
CA ASN A 76 -31.48 -20.97 -21.47
C ASN A 76 -30.95 -19.53 -21.24
N ARG A 77 -30.74 -19.15 -19.99
CA ARG A 77 -30.12 -17.85 -19.68
C ARG A 77 -28.61 -17.99 -19.45
N ALA A 78 -28.07 -19.18 -19.73
CA ALA A 78 -26.62 -19.46 -19.59
C ALA A 78 -26.10 -20.11 -20.87
N GLU A 79 -25.06 -19.54 -21.47
CA GLU A 79 -24.47 -20.06 -22.70
C GLU A 79 -22.97 -20.24 -22.57
N PHE A 80 -22.46 -21.36 -23.07
CA PHE A 80 -21.03 -21.57 -23.18
C PHE A 80 -20.50 -21.01 -24.48
N VAL A 81 -19.50 -20.15 -24.42
CA VAL A 81 -18.76 -19.77 -25.62
C VAL A 81 -17.29 -20.08 -25.41
N SER A 82 -16.72 -20.87 -26.33
CA SER A 82 -15.31 -21.22 -26.29
C SER A 82 -14.51 -19.95 -26.53
N THR A 83 -13.75 -19.53 -25.51
CA THR A 83 -13.08 -18.23 -25.54
C THR A 83 -11.63 -18.30 -25.09
N ASN A 84 -10.74 -17.86 -25.98
CA ASN A 84 -9.34 -17.62 -25.68
C ASN A 84 -9.23 -16.13 -25.38
N VAL A 85 -8.92 -15.79 -24.12
CA VAL A 85 -8.94 -14.39 -23.67
C VAL A 85 -7.91 -13.50 -24.36
N THR A 86 -6.88 -14.10 -24.96
CA THR A 86 -5.86 -13.35 -25.71
C THR A 86 -6.24 -13.11 -27.19
N SER A 87 -7.36 -13.65 -27.63
CA SER A 87 -7.81 -13.48 -29.03
C SER A 87 -8.98 -12.49 -29.14
N GLU A 88 -8.78 -11.40 -29.87
CA GLU A 88 -9.85 -10.42 -30.08
C GLU A 88 -11.11 -11.05 -30.69
N ASP A 89 -10.93 -11.84 -31.75
CA ASP A 89 -12.05 -12.51 -32.42
C ASP A 89 -12.89 -13.32 -31.46
N SER A 90 -12.21 -14.08 -30.62
CA SER A 90 -12.85 -15.00 -29.70
C SER A 90 -13.64 -14.26 -28.62
N VAL A 91 -13.06 -13.19 -28.08
CA VAL A 91 -13.76 -12.36 -27.10
C VAL A 91 -14.94 -11.60 -27.73
N LEU A 92 -14.76 -11.12 -28.95
CA LEU A 92 -15.84 -10.44 -29.67
C LEU A 92 -17.05 -11.36 -29.88
N ALA A 93 -16.79 -12.66 -30.11
CA ALA A 93 -17.85 -13.66 -30.21
C ALA A 93 -18.56 -13.86 -28.86
N ALA A 94 -17.81 -13.84 -27.76
CA ALA A 94 -18.43 -13.96 -26.44
C ALA A 94 -19.34 -12.76 -26.17
N ILE A 95 -18.92 -11.57 -26.62
CA ILE A 95 -19.69 -10.35 -26.48
C ILE A 95 -21.01 -10.39 -27.27
N GLU A 96 -20.96 -10.91 -28.51
CA GLU A 96 -22.16 -11.03 -29.32
CA GLU A 96 -22.16 -11.03 -29.33
C GLU A 96 -23.15 -12.01 -28.69
N ALA A 97 -22.63 -13.11 -28.14
CA ALA A 97 -23.48 -14.09 -27.45
C ALA A 97 -24.16 -13.47 -26.21
N ALA A 98 -23.39 -12.77 -25.38
CA ALA A 98 -23.94 -12.08 -24.21
C ALA A 98 -25.06 -11.10 -24.56
N ASN A 99 -24.90 -10.39 -25.69
CA ASN A 99 -25.88 -9.40 -26.11
C ASN A 99 -27.16 -10.02 -26.73
N GLN A 100 -27.18 -11.35 -26.89
CA GLN A 100 -28.41 -12.08 -27.20
C GLN A 100 -29.13 -12.50 -25.92
N LEU A 101 -28.45 -12.42 -24.78
CA LEU A 101 -29.02 -12.83 -23.51
C LEU A 101 -29.53 -11.65 -22.69
N GLY A 102 -29.47 -10.45 -23.25
CA GLY A 102 -29.79 -9.22 -22.52
C GLY A 102 -28.80 -8.16 -22.98
N ARG A 103 -28.76 -7.00 -22.32
CA ARG A 103 -27.75 -6.01 -22.66
C ARG A 103 -26.51 -6.29 -21.80
N LEU A 104 -25.37 -6.50 -22.45
CA LEU A 104 -24.13 -6.74 -21.73
C LEU A 104 -23.82 -5.54 -20.88
N ARG A 105 -23.76 -5.72 -19.56
CA ARG A 105 -23.38 -4.64 -18.68
C ARG A 105 -22.24 -4.98 -17.70
N TYR A 106 -21.87 -6.26 -17.61
CA TYR A 106 -20.97 -6.75 -16.59
C TYR A 106 -20.01 -7.81 -17.08
N ALA A 107 -18.80 -7.83 -16.54
CA ALA A 107 -17.88 -8.94 -16.78
C ALA A 107 -17.10 -9.21 -15.50
N VAL A 108 -16.82 -10.49 -15.25
CA VAL A 108 -15.90 -10.88 -14.20
C VAL A 108 -14.78 -11.67 -14.88
N VAL A 109 -13.56 -11.16 -14.81
CA VAL A 109 -12.40 -11.75 -15.49
C VAL A 109 -11.72 -12.69 -14.50
N ALA A 110 -12.06 -13.97 -14.56
CA ALA A 110 -11.69 -14.89 -13.49
C ALA A 110 -10.95 -16.13 -13.98
N HIS A 111 -10.39 -16.08 -15.18
CA HIS A 111 -9.56 -17.19 -15.65
C HIS A 111 -8.36 -17.38 -14.72
N GLY A 112 -8.16 -18.65 -14.31
CA GLY A 112 -7.23 -18.99 -13.22
C GLY A 112 -6.09 -19.91 -13.63
N GLY A 113 -5.60 -20.66 -12.65
CA GLY A 113 -4.42 -21.50 -12.81
C GLY A 113 -3.19 -20.89 -12.17
N PHE A 114 -2.06 -21.58 -12.35
CA PHE A 114 -0.75 -21.16 -11.84
C PHE A 114 0.07 -20.50 -12.96
N GLY A 115 0.99 -19.63 -12.55
CA GLY A 115 2.07 -19.18 -13.43
C GLY A 115 3.16 -20.25 -13.54
N VAL A 116 4.20 -19.98 -14.34
CA VAL A 116 5.34 -20.91 -14.46
C VAL A 116 6.12 -20.88 -13.13
N ALA A 117 6.43 -22.06 -12.58
CA ALA A 117 7.24 -22.18 -11.37
C ALA A 117 8.73 -22.24 -11.70
N GLN A 118 9.44 -21.14 -11.46
CA GLN A 118 10.88 -21.05 -11.71
CA GLN A 118 10.88 -21.05 -11.71
C GLN A 118 11.46 -19.85 -10.97
N ARG A 119 12.64 -20.03 -10.40
CA ARG A 119 13.36 -18.96 -9.73
CA ARG A 119 13.29 -18.92 -9.74
C ARG A 119 14.02 -18.07 -10.78
N ILE A 120 14.23 -16.80 -10.45
CA ILE A 120 14.92 -15.85 -11.33
CA ILE A 120 14.86 -15.89 -11.40
C ILE A 120 16.29 -16.38 -11.71
N VAL A 121 17.00 -16.88 -10.70
CA VAL A 121 18.21 -17.64 -10.91
C VAL A 121 17.98 -19.07 -10.35
N GLN A 122 18.10 -20.06 -11.21
CA GLN A 122 17.72 -21.42 -10.86
C GLN A 122 18.88 -22.11 -10.17
N ARG A 123 18.61 -23.26 -9.55
CA ARG A 123 19.62 -24.01 -8.78
C ARG A 123 20.91 -24.29 -9.56
N ASP A 124 20.83 -24.58 -10.85
CA ASP A 124 22.03 -24.82 -11.64
C ASP A 124 22.73 -23.55 -12.11
N GLY A 125 22.26 -22.37 -11.67
CA GLY A 125 22.87 -21.09 -12.04
C GLY A 125 22.30 -20.44 -13.29
N SER A 126 21.40 -21.14 -13.99
CA SER A 126 20.84 -20.58 -15.21
C SER A 126 19.72 -19.63 -14.85
N PRO A 127 19.44 -18.66 -15.73
CA PRO A 127 18.31 -17.77 -15.43
C PRO A 127 16.98 -18.45 -15.69
N ALA A 128 15.93 -17.92 -15.09
CA ALA A 128 14.57 -18.28 -15.46
C ALA A 128 14.37 -18.15 -16.98
N ASP A 129 13.56 -19.05 -17.51
CA ASP A 129 13.18 -19.07 -18.93
CA ASP A 129 13.21 -19.03 -18.92
C ASP A 129 12.28 -17.86 -19.20
N MET A 130 12.67 -17.03 -20.17
CA MET A 130 11.91 -15.84 -20.51
C MET A 130 10.53 -16.18 -21.07
N GLY A 131 10.46 -17.25 -21.85
CA GLY A 131 9.19 -17.78 -22.37
C GLY A 131 8.16 -18.05 -21.29
N GLY A 132 8.59 -18.66 -20.21
CA GLY A 132 7.73 -18.95 -19.07
C GLY A 132 7.17 -17.70 -18.44
N PHE A 133 8.02 -16.68 -18.28
CA PHE A 133 7.56 -15.39 -17.78
C PHE A 133 6.53 -14.76 -18.73
N THR A 134 6.89 -14.61 -20.00
CA THR A 134 5.99 -13.92 -20.96
C THR A 134 4.67 -14.65 -21.16
N LYS A 135 4.67 -15.99 -21.13
CA LYS A 135 3.41 -16.74 -21.16
C LYS A 135 2.47 -16.37 -20.01
N THR A 136 3.04 -16.22 -18.81
CA THR A 136 2.28 -15.86 -17.63
C THR A 136 1.72 -14.45 -17.72
N ILE A 137 2.58 -13.50 -18.13
CA ILE A 137 2.13 -12.14 -18.38
C ILE A 137 1.02 -12.14 -19.46
N ASP A 138 1.22 -12.89 -20.55
CA ASP A 138 0.24 -12.95 -21.63
C ASP A 138 -1.15 -13.41 -21.16
N LEU A 139 -1.20 -14.47 -20.37
CA LEU A 139 -2.47 -15.04 -19.94
C LEU A 139 -3.17 -14.15 -18.90
N TYR A 140 -2.45 -13.73 -17.86
CA TYR A 140 -3.05 -13.08 -16.70
C TYR A 140 -3.17 -11.57 -16.78
N LEU A 141 -2.20 -10.92 -17.45
CA LEU A 141 -2.21 -9.48 -17.62
C LEU A 141 -2.77 -9.10 -19.00
N ASN A 142 -2.08 -9.48 -20.07
CA ASN A 142 -2.57 -9.14 -21.44
C ASN A 142 -3.99 -9.68 -21.66
N GLY A 143 -4.25 -10.92 -21.25
CA GLY A 143 -5.59 -11.51 -21.38
C GLY A 143 -6.66 -10.69 -20.65
N THR A 144 -6.34 -10.25 -19.45
CA THR A 144 -7.26 -9.39 -18.69
C THR A 144 -7.52 -8.09 -19.43
N TYR A 145 -6.46 -7.46 -19.94
CA TYR A 145 -6.63 -6.17 -20.63
C TYR A 145 -7.46 -6.35 -21.90
N ASN A 146 -7.24 -7.46 -22.61
CA ASN A 146 -7.96 -7.73 -23.86
C ASN A 146 -9.46 -7.91 -23.61
N VAL A 147 -9.80 -8.69 -22.58
CA VAL A 147 -11.21 -8.87 -22.22
C VAL A 147 -11.80 -7.51 -21.80
N ALA A 148 -11.07 -6.77 -20.97
CA ALA A 148 -11.58 -5.51 -20.43
C ALA A 148 -11.83 -4.45 -21.51
N ARG A 149 -10.89 -4.31 -22.46
CA ARG A 149 -11.02 -3.29 -23.46
C ARG A 149 -12.22 -3.55 -24.37
N LEU A 150 -12.42 -4.80 -24.76
CA LEU A 150 -13.49 -5.16 -25.68
C LEU A 150 -14.87 -5.13 -25.00
N VAL A 151 -14.93 -5.65 -23.78
CA VAL A 151 -16.20 -5.64 -23.03
C VAL A 151 -16.55 -4.19 -22.63
N ALA A 152 -15.56 -3.40 -22.22
CA ALA A 152 -15.84 -2.01 -21.86
C ALA A 152 -16.38 -1.22 -23.05
N ALA A 153 -15.81 -1.43 -24.24
CA ALA A 153 -16.32 -0.77 -25.44
C ALA A 153 -17.80 -1.09 -25.75
N SER A 154 -18.20 -2.34 -25.54
CA SER A 154 -19.61 -2.73 -25.70
C SER A 154 -20.51 -2.07 -24.65
N ILE A 155 -20.10 -2.17 -23.39
CA ILE A 155 -20.86 -1.59 -22.28
C ILE A 155 -20.97 -0.08 -22.42
N ALA A 156 -19.91 0.56 -22.89
CA ALA A 156 -19.89 2.01 -23.08
C ALA A 156 -20.95 2.49 -24.09
N ALA A 157 -21.35 1.61 -25.02
CA ALA A 157 -22.42 1.94 -25.99
C ALA A 157 -23.84 1.74 -25.45
N ALA A 158 -23.98 1.15 -24.26
CA ALA A 158 -25.31 0.93 -23.66
C ALA A 158 -25.88 2.23 -23.08
N GLU A 159 -27.19 2.24 -22.82
CA GLU A 159 -27.82 3.40 -22.18
C GLU A 159 -27.56 3.29 -20.69
N PRO A 160 -27.17 4.42 -20.06
CA PRO A 160 -27.01 4.39 -18.62
C PRO A 160 -28.35 4.25 -17.88
N ARG A 161 -28.28 3.67 -16.70
CA ARG A 161 -29.39 3.69 -15.76
C ARG A 161 -29.59 5.12 -15.23
N GLU A 162 -30.71 5.34 -14.53
CA GLU A 162 -31.02 6.65 -13.96
C GLU A 162 -29.85 7.21 -13.12
N ASN A 163 -29.16 6.34 -12.39
CA ASN A 163 -28.00 6.77 -11.59
C ASN A 163 -26.71 7.07 -12.39
N GLY A 164 -26.77 7.01 -13.73
CA GLY A 164 -25.62 7.30 -14.59
C GLY A 164 -24.71 6.13 -14.95
N GLU A 165 -24.87 4.99 -14.29
CA GLU A 165 -24.02 3.83 -14.47
C GLU A 165 -24.45 2.96 -15.66
N ARG A 166 -23.52 2.67 -16.57
CA ARG A 166 -23.76 1.73 -17.67
C ARG A 166 -23.43 0.29 -17.29
N GLY A 167 -22.46 0.09 -16.40
CA GLY A 167 -22.05 -1.26 -16.01
C GLY A 167 -20.84 -1.29 -15.09
N ALA A 168 -20.25 -2.47 -14.96
CA ALA A 168 -19.14 -2.68 -14.04
C ALA A 168 -18.32 -3.91 -14.40
N LEU A 169 -17.03 -3.81 -14.15
CA LEU A 169 -16.09 -4.91 -14.36
C LEU A 169 -15.46 -5.30 -13.03
N VAL A 170 -15.22 -6.60 -12.88
CA VAL A 170 -14.45 -7.16 -11.80
C VAL A 170 -13.29 -7.92 -12.43
N LEU A 171 -12.07 -7.50 -12.11
CA LEU A 171 -10.87 -8.21 -12.53
C LEU A 171 -10.41 -9.09 -11.36
N THR A 172 -9.60 -10.11 -11.66
CA THR A 172 -9.06 -10.98 -10.62
C THR A 172 -7.53 -10.87 -10.62
N ALA A 173 -6.99 -10.45 -9.47
CA ALA A 173 -5.58 -10.42 -9.26
C ALA A 173 -5.20 -11.60 -8.36
N SER A 174 -4.46 -11.31 -7.29
CA SER A 174 -4.01 -12.27 -6.28
C SER A 174 -3.22 -11.47 -5.28
N ILE A 175 -3.17 -11.91 -4.04
CA ILE A 175 -2.34 -11.24 -3.07
C ILE A 175 -0.85 -11.48 -3.39
N ALA A 176 -0.55 -12.40 -4.30
CA ALA A 176 0.80 -12.55 -4.83
C ALA A 176 1.26 -11.26 -5.50
N GLY A 177 0.30 -10.43 -5.92
CA GLY A 177 0.61 -9.12 -6.48
C GLY A 177 1.22 -8.13 -5.50
N TYR A 178 1.00 -8.39 -4.21
CA TYR A 178 1.52 -7.59 -3.12
C TYR A 178 2.67 -8.28 -2.36
N GLU A 179 2.65 -9.62 -2.33
CA GLU A 179 3.51 -10.44 -1.45
C GLU A 179 4.03 -11.65 -2.22
N GLY A 180 4.63 -11.43 -3.38
CA GLY A 180 5.00 -12.53 -4.27
C GLY A 180 6.00 -13.49 -3.65
N GLN A 181 5.91 -14.75 -4.04
CA GLN A 181 6.68 -15.79 -3.38
C GLN A 181 7.83 -16.28 -4.21
N ILE A 182 8.75 -16.97 -3.54
CA ILE A 182 9.90 -17.57 -4.18
C ILE A 182 9.46 -18.50 -5.30
N GLY A 183 10.05 -18.38 -6.47
CA GLY A 183 9.72 -19.22 -7.62
C GLY A 183 8.49 -18.70 -8.38
N GLN A 184 7.86 -17.64 -7.90
CA GLN A 184 6.62 -17.16 -8.48
C GLN A 184 6.71 -15.67 -8.89
N THR A 185 7.89 -15.23 -9.34
CA THR A 185 8.04 -13.87 -9.84
C THR A 185 7.16 -13.58 -11.07
N ALA A 186 6.94 -14.57 -11.95
CA ALA A 186 6.10 -14.36 -13.14
C ALA A 186 4.66 -14.05 -12.73
N TYR A 187 4.10 -14.89 -11.88
CA TYR A 187 2.71 -14.72 -11.38
C TYR A 187 2.56 -13.41 -10.58
N ALA A 188 3.55 -13.11 -9.77
CA ALA A 188 3.54 -11.90 -8.95
C ALA A 188 3.51 -10.64 -9.81
N ALA A 189 4.37 -10.61 -10.82
CA ALA A 189 4.42 -9.49 -11.79
C ALA A 189 3.09 -9.31 -12.53
N ALA A 190 2.55 -10.40 -13.03
CA ALA A 190 1.30 -10.37 -13.80
C ALA A 190 0.15 -9.85 -12.95
N LYS A 191 0.04 -10.36 -11.74
CA LYS A 191 -1.05 -9.98 -10.86
C LYS A 191 -0.91 -8.59 -10.28
N ALA A 192 0.33 -8.17 -10.03
CA ALA A 192 0.61 -6.76 -9.68
C ALA A 192 0.20 -5.81 -10.81
N GLY A 193 0.44 -6.23 -12.04
CA GLY A 193 -0.02 -5.47 -13.21
C GLY A 193 -1.53 -5.28 -13.18
N VAL A 194 -2.29 -6.34 -12.90
CA VAL A 194 -3.75 -6.24 -12.76
C VAL A 194 -4.19 -5.31 -11.62
N ILE A 195 -3.53 -5.45 -10.47
CA ILE A 195 -3.79 -4.57 -9.37
C ILE A 195 -3.62 -3.10 -9.78
N GLY A 196 -2.51 -2.75 -10.41
CA GLY A 196 -2.24 -1.36 -10.80
C GLY A 196 -3.15 -0.83 -11.93
N LEU A 197 -3.59 -1.75 -12.76
CA LEU A 197 -4.52 -1.42 -13.83
C LEU A 197 -5.87 -0.91 -13.28
N THR A 198 -6.23 -1.37 -12.08
CA THR A 198 -7.56 -1.13 -11.53
C THR A 198 -7.93 0.35 -11.46
N ILE A 199 -7.12 1.16 -10.76
CA ILE A 199 -7.43 2.60 -10.62
C ILE A 199 -7.33 3.34 -11.96
N ALA A 200 -6.39 2.92 -12.82
CA ALA A 200 -6.20 3.57 -14.11
C ALA A 200 -7.41 3.33 -15.02
N ALA A 201 -7.88 2.09 -15.08
CA ALA A 201 -9.08 1.72 -15.83
C ALA A 201 -10.35 2.38 -15.28
N ALA A 202 -10.51 2.40 -13.95
CA ALA A 202 -11.62 3.11 -13.31
C ALA A 202 -11.63 4.59 -13.71
N ARG A 203 -10.46 5.23 -13.67
CA ARG A 203 -10.34 6.62 -14.11
C ARG A 203 -10.70 6.79 -15.60
N ASP A 204 -10.14 5.92 -16.44
CA ASP A 204 -10.46 5.93 -17.89
C ASP A 204 -11.94 5.83 -18.18
N LEU A 205 -12.59 4.90 -17.51
CA LEU A 205 -13.96 4.54 -17.82
C LEU A 205 -14.97 5.37 -17.04
N SER A 206 -14.50 6.29 -16.21
CA SER A 206 -15.41 7.10 -15.44
C SER A 206 -16.33 7.98 -16.31
N SER A 207 -15.85 8.47 -17.45
CA SER A 207 -16.73 9.25 -18.36
C SER A 207 -17.79 8.39 -19.02
N ALA A 208 -17.63 7.06 -18.98
CA ALA A 208 -18.62 6.12 -19.52
C ALA A 208 -19.58 5.60 -18.42
N GLY A 209 -19.31 5.92 -17.16
CA GLY A 209 -20.08 5.37 -16.06
C GLY A 209 -19.94 3.86 -15.93
N ILE A 210 -18.72 3.36 -16.07
CA ILE A 210 -18.43 1.95 -15.89
C ILE A 210 -17.43 1.83 -14.73
N ARG A 211 -17.84 1.15 -13.66
CA ARG A 211 -16.97 0.96 -12.52
C ARG A 211 -16.02 -0.19 -12.79
N VAL A 212 -14.81 -0.09 -12.26
CA VAL A 212 -13.82 -1.15 -12.36
C VAL A 212 -13.20 -1.42 -10.99
N ASN A 213 -13.32 -2.66 -10.53
CA ASN A 213 -12.73 -3.11 -9.27
C ASN A 213 -12.11 -4.49 -9.49
N THR A 214 -11.31 -4.91 -8.53
CA THR A 214 -10.54 -6.11 -8.60
C THR A 214 -10.60 -6.85 -7.27
N ILE A 215 -10.65 -8.18 -7.35
CA ILE A 215 -10.55 -9.03 -6.18
C ILE A 215 -9.16 -9.63 -6.23
N ALA A 216 -8.45 -9.55 -5.11
CA ALA A 216 -7.16 -10.21 -4.92
C ALA A 216 -7.35 -11.38 -3.97
N PRO A 217 -7.56 -12.59 -4.52
CA PRO A 217 -7.76 -13.71 -3.61
C PRO A 217 -6.48 -14.17 -2.92
N GLY A 218 -6.64 -14.73 -1.73
CA GLY A 218 -5.59 -15.48 -1.08
C GLY A 218 -5.57 -16.89 -1.67
N THR A 219 -5.47 -17.90 -0.83
CA THR A 219 -5.46 -19.30 -1.26
C THR A 219 -6.87 -19.84 -1.29
N MET A 220 -7.34 -20.21 -2.48
CA MET A 220 -8.73 -20.57 -2.72
C MET A 220 -8.86 -22.04 -3.11
N LYS A 221 -9.99 -22.64 -2.73
CA LYS A 221 -10.27 -24.05 -3.00
C LYS A 221 -10.79 -24.22 -4.41
N THR A 222 -9.87 -24.40 -5.35
CA THR A 222 -10.21 -24.70 -6.74
C THR A 222 -9.56 -26.05 -7.13
N PRO A 223 -10.04 -26.70 -8.20
CA PRO A 223 -9.43 -27.98 -8.60
C PRO A 223 -7.92 -27.89 -8.80
N ILE A 224 -7.46 -26.84 -9.47
CA ILE A 224 -6.03 -26.67 -9.74
C ILE A 224 -5.22 -26.56 -8.45
N MET A 225 -5.71 -25.75 -7.51
CA MET A 225 -5.05 -25.62 -6.23
C MET A 225 -5.01 -26.95 -5.52
N GLU A 226 -6.12 -27.67 -5.48
CA GLU A 226 -6.18 -28.97 -4.80
C GLU A 226 -5.33 -30.07 -5.45
N SER A 227 -4.84 -29.84 -6.68
CA SER A 227 -3.91 -30.80 -7.33
C SER A 227 -2.56 -30.92 -6.59
N VAL A 228 -2.25 -29.96 -5.72
CA VAL A 228 -1.03 -30.02 -4.90
C VAL A 228 -1.04 -31.11 -3.80
N GLY A 229 -2.18 -31.79 -3.60
CA GLY A 229 -2.26 -32.84 -2.56
C GLY A 229 -2.51 -32.30 -1.15
N GLU A 230 -3.01 -33.16 -0.27
CA GLU A 230 -3.52 -32.77 1.05
C GLU A 230 -2.45 -32.23 2.02
N GLU A 231 -1.25 -32.78 1.97
CA GLU A 231 -0.17 -32.34 2.86
C GLU A 231 0.19 -30.85 2.64
N ALA A 232 0.35 -30.48 1.37
CA ALA A 232 0.63 -29.08 0.98
C ALA A 232 -0.53 -28.14 1.32
N LEU A 233 -1.76 -28.59 1.10
CA LEU A 233 -2.95 -27.81 1.48
C LEU A 233 -3.03 -27.55 2.98
N ALA A 234 -2.70 -28.56 3.78
CA ALA A 234 -2.63 -28.43 5.24
C ALA A 234 -1.65 -27.32 5.61
N LYS A 235 -0.51 -27.28 4.91
CA LYS A 235 0.49 -26.23 5.11
C LYS A 235 -0.07 -24.85 4.79
N PHE A 236 -0.75 -24.72 3.65
CA PHE A 236 -1.37 -23.45 3.26
C PHE A 236 -2.36 -22.98 4.31
N ALA A 237 -3.27 -23.85 4.75
CA ALA A 237 -4.27 -23.51 5.76
C ALA A 237 -3.67 -22.97 7.06
N ALA A 238 -2.44 -23.40 7.38
CA ALA A 238 -1.77 -22.99 8.63
C ALA A 238 -1.31 -21.52 8.63
N ASN A 239 -1.02 -20.97 7.47
CA ASN A 239 -0.62 -19.56 7.37
C ASN A 239 -1.83 -18.62 7.41
N ILE A 240 -3.06 -19.14 7.50
CA ILE A 240 -4.27 -18.32 7.31
C ILE A 240 -4.94 -18.05 8.66
N PRO A 241 -4.93 -16.79 9.14
CA PRO A 241 -5.45 -16.54 10.50
C PRO A 241 -6.90 -16.97 10.74
N PHE A 242 -7.84 -16.50 9.94
CA PHE A 242 -9.26 -16.88 10.11
C PHE A 242 -10.11 -16.44 8.93
N PRO A 243 -10.95 -17.34 8.41
CA PRO A 243 -11.03 -18.75 8.80
C PRO A 243 -9.80 -19.55 8.39
N LYS A 244 -9.46 -20.56 9.18
CA LYS A 244 -8.25 -21.34 8.99
C LYS A 244 -8.44 -22.40 7.92
N ARG A 245 -8.65 -21.96 6.69
CA ARG A 245 -8.94 -22.83 5.56
C ARG A 245 -8.82 -22.03 4.28
N LEU A 246 -8.80 -22.73 3.15
CA LEU A 246 -8.92 -22.10 1.84
C LEU A 246 -10.30 -21.41 1.68
N GLY A 247 -10.32 -20.29 0.97
CA GLY A 247 -11.58 -19.59 0.66
C GLY A 247 -12.37 -20.39 -0.35
N THR A 248 -13.70 -20.30 -0.28
CA THR A 248 -14.51 -21.05 -1.22
C THR A 248 -14.78 -20.25 -2.50
N PRO A 249 -15.00 -20.96 -3.62
CA PRO A 249 -15.51 -20.28 -4.79
C PRO A 249 -16.76 -19.46 -4.52
N ASP A 250 -17.67 -19.94 -3.67
CA ASP A 250 -18.88 -19.16 -3.36
C ASP A 250 -18.56 -17.85 -2.65
N GLU A 251 -17.53 -17.84 -1.80
CA GLU A 251 -17.10 -16.58 -1.14
C GLU A 251 -16.55 -15.58 -2.16
N PHE A 252 -15.81 -16.09 -3.14
CA PHE A 252 -15.32 -15.25 -4.23
C PHE A 252 -16.51 -14.68 -5.02
N ALA A 253 -17.44 -15.55 -5.38
CA ALA A 253 -18.62 -15.18 -6.15
C ALA A 253 -19.42 -14.10 -5.42
N ASP A 254 -19.48 -14.21 -4.09
CA ASP A 254 -20.23 -13.25 -3.28
C ASP A 254 -19.55 -11.86 -3.31
N ALA A 255 -18.22 -11.84 -3.26
CA ALA A 255 -17.45 -10.61 -3.38
C ALA A 255 -17.63 -10.00 -4.77
N ALA A 256 -17.58 -10.83 -5.80
CA ALA A 256 -17.77 -10.35 -7.17
C ALA A 256 -19.12 -9.70 -7.31
N ALA A 257 -20.16 -10.35 -6.79
CA ALA A 257 -21.51 -9.81 -6.89
C ALA A 257 -21.61 -8.48 -6.18
N PHE A 258 -20.99 -8.38 -5.00
CA PHE A 258 -20.96 -7.11 -4.26
C PHE A 258 -20.32 -5.99 -5.08
N LEU A 259 -19.20 -6.27 -5.72
CA LEU A 259 -18.51 -5.24 -6.52
C LEU A 259 -19.33 -4.78 -7.72
N LEU A 260 -20.15 -5.68 -8.23
CA LEU A 260 -21.05 -5.38 -9.32
C LEU A 260 -22.24 -4.55 -8.89
N THR A 261 -22.71 -4.72 -7.65
CA THR A 261 -23.97 -4.09 -7.23
C THR A 261 -23.82 -2.83 -6.35
N ASN A 262 -22.76 -2.72 -5.56
CA ASN A 262 -22.62 -1.53 -4.71
C ASN A 262 -22.25 -0.35 -5.58
N GLY A 263 -23.03 0.73 -5.50
CA GLY A 263 -22.88 1.84 -6.45
C GLY A 263 -21.68 2.77 -6.27
N TYR A 264 -20.99 2.71 -5.12
CA TYR A 264 -19.91 3.67 -4.85
C TYR A 264 -18.51 3.06 -4.89
N ILE A 265 -18.39 1.74 -4.87
CA ILE A 265 -17.05 1.12 -4.83
C ILE A 265 -16.48 1.14 -6.25
N ASN A 266 -15.35 1.81 -6.42
CA ASN A 266 -14.73 2.00 -7.74
C ASN A 266 -13.22 2.18 -7.60
N GLY A 267 -12.47 1.64 -8.55
CA GLY A 267 -11.02 1.70 -8.53
C GLY A 267 -10.34 1.04 -7.35
N GLU A 268 -10.99 0.06 -6.76
CA GLU A 268 -10.55 -0.55 -5.52
C GLU A 268 -10.12 -1.99 -5.73
N VAL A 269 -9.12 -2.41 -4.98
CA VAL A 269 -8.71 -3.81 -4.93
C VAL A 269 -9.12 -4.39 -3.58
N MET A 270 -9.93 -5.44 -3.62
CA MET A 270 -10.43 -6.10 -2.42
C MET A 270 -9.64 -7.38 -2.16
N ARG A 271 -8.89 -7.41 -1.07
CA ARG A 271 -8.24 -8.64 -0.61
C ARG A 271 -9.27 -9.59 -0.04
N LEU A 272 -9.27 -10.84 -0.51
CA LEU A 272 -10.23 -11.86 -0.05
C LEU A 272 -9.41 -13.10 0.33
N ASP A 273 -8.96 -13.13 1.58
CA ASP A 273 -7.82 -13.96 1.94
C ASP A 273 -7.73 -14.48 3.40
N GLY A 274 -8.80 -14.36 4.19
CA GLY A 274 -8.78 -14.86 5.57
C GLY A 274 -7.72 -14.19 6.45
N ALA A 275 -7.34 -12.97 6.08
CA ALA A 275 -6.23 -12.19 6.68
C ALA A 275 -4.82 -12.78 6.42
N GLN A 276 -4.70 -13.68 5.43
CA GLN A 276 -3.39 -14.22 5.07
C GLN A 276 -2.46 -13.14 4.49
N ARG A 277 -1.18 -13.22 4.85
CA ARG A 277 -0.14 -12.50 4.14
C ARG A 277 0.88 -13.59 3.69
N PHE A 278 1.17 -13.67 2.39
CA PHE A 278 2.07 -14.74 1.88
C PHE A 278 3.47 -14.55 2.46
N THR A 279 4.02 -15.64 2.99
CA THR A 279 5.43 -15.72 3.35
C THR A 279 6.28 -16.00 2.09
N PRO A 280 7.61 -15.91 2.18
CA PRO A 280 8.43 -16.15 0.98
C PRO A 280 8.21 -17.54 0.33
N LYS A 281 7.99 -18.55 1.14
CA LYS A 281 7.77 -19.91 0.66
C LYS A 281 6.58 -20.48 1.41
N THR B 24 32.29 18.49 5.71
CA THR B 24 30.88 18.88 5.99
C THR B 24 30.03 18.82 4.72
N ILE B 25 29.09 17.87 4.69
CA ILE B 25 28.08 17.78 3.62
C ILE B 25 27.49 19.18 3.32
N LYS B 26 27.40 19.54 2.04
CA LYS B 26 26.95 20.88 1.61
C LYS B 26 25.60 21.32 2.18
N GLN B 27 24.62 20.42 2.17
CA GLN B 27 23.31 20.72 2.79
C GLN B 27 23.40 21.03 4.29
N PHE B 28 24.46 20.58 4.96
CA PHE B 28 24.58 20.65 6.42
C PHE B 28 25.39 21.86 6.92
N GLU B 29 25.94 22.62 6.00
CA GLU B 29 26.68 23.86 6.34
C GLU B 29 25.93 24.79 7.25
N GLY B 30 26.51 25.06 8.42
CA GLY B 30 25.93 25.98 9.40
C GLY B 30 24.61 25.52 10.03
N ALA B 31 24.21 24.27 9.77
CA ALA B 31 22.95 23.75 10.26
C ALA B 31 23.10 22.86 11.48
N SER B 32 21.98 22.67 12.16
CA SER B 32 21.92 21.75 13.28
C SER B 32 20.66 20.87 13.17
N ALA B 33 20.64 19.84 14.01
CA ALA B 33 19.64 18.81 14.01
C ALA B 33 19.31 18.40 15.45
N ILE B 34 18.06 17.98 15.65
CA ILE B 34 17.64 17.29 16.86
C ILE B 34 17.34 15.83 16.55
N VAL B 35 17.84 14.94 17.39
CA VAL B 35 17.50 13.52 17.30
C VAL B 35 16.82 13.09 18.60
N SER B 36 15.51 12.85 18.57
CA SER B 36 14.84 12.25 19.73
C SER B 36 15.23 10.78 19.85
N GLY B 37 15.35 10.29 21.07
CA GLY B 37 15.90 8.96 21.33
C GLY B 37 17.37 8.90 20.96
N GLY B 38 18.03 10.07 20.94
CA GLY B 38 19.42 10.16 20.47
C GLY B 38 20.50 9.55 21.35
N ALA B 39 20.15 9.18 22.59
CA ALA B 39 21.14 8.63 23.51
C ALA B 39 21.57 7.19 23.24
N GLY B 40 20.75 6.41 22.56
CA GLY B 40 21.03 4.98 22.37
C GLY B 40 20.44 4.42 21.09
N GLY B 41 20.88 3.22 20.69
CA GLY B 41 20.24 2.48 19.60
C GLY B 41 20.22 3.23 18.28
N LEU B 42 19.06 3.23 17.62
CA LEU B 42 18.94 3.86 16.31
C LEU B 42 19.29 5.36 16.38
N GLY B 43 18.80 6.01 17.43
CA GLY B 43 19.02 7.44 17.61
C GLY B 43 20.48 7.79 17.81
N GLU B 44 21.19 6.99 18.59
CA GLU B 44 22.62 7.21 18.82
C GLU B 44 23.43 7.14 17.52
N ALA B 45 23.17 6.12 16.72
CA ALA B 45 23.87 5.96 15.43
C ALA B 45 23.56 7.12 14.50
N THR B 46 22.34 7.63 14.59
CA THR B 46 21.92 8.76 13.81
C THR B 46 22.66 10.03 14.24
N VAL B 47 22.75 10.26 15.55
CA VAL B 47 23.56 11.35 16.11
C VAL B 47 25.00 11.28 15.58
N ARG B 48 25.59 10.11 15.65
CA ARG B 48 27.01 9.95 15.27
C ARG B 48 27.21 10.21 13.79
N ARG B 49 26.28 9.72 12.97
CA ARG B 49 26.37 9.93 11.52
C ARG B 49 26.18 11.42 11.18
N LEU B 50 25.14 12.03 11.74
CA LEU B 50 24.87 13.45 11.46
C LEU B 50 26.00 14.36 11.94
N HIS B 51 26.53 14.07 13.12
CA HIS B 51 27.67 14.79 13.65
C HIS B 51 28.91 14.63 12.74
N ALA B 52 29.18 13.40 12.32
CA ALA B 52 30.30 13.13 11.40
C ALA B 52 30.14 13.87 10.08
N ASP B 53 28.90 14.09 9.66
CA ASP B 53 28.62 14.75 8.40
C ASP B 53 28.63 16.27 8.53
N GLY B 54 28.88 16.81 9.73
CA GLY B 54 29.10 18.26 9.89
C GLY B 54 27.98 19.03 10.57
N LEU B 55 26.91 18.34 10.98
CA LEU B 55 25.81 19.00 11.70
C LEU B 55 26.14 19.21 13.18
N GLY B 56 25.70 20.35 13.74
CA GLY B 56 25.51 20.48 15.18
C GLY B 56 24.35 19.55 15.55
N VAL B 57 24.51 18.73 16.59
CA VAL B 57 23.47 17.80 16.98
C VAL B 57 23.03 17.90 18.44
N VAL B 58 21.71 17.94 18.66
CA VAL B 58 21.15 17.84 20.00
C VAL B 58 20.64 16.43 20.23
N ILE B 59 21.16 15.82 21.28
CA ILE B 59 20.74 14.50 21.73
C ILE B 59 19.57 14.73 22.67
N ALA B 60 18.36 14.51 22.18
CA ALA B 60 17.13 14.81 22.93
C ALA B 60 16.57 13.50 23.47
N ASP B 61 16.73 13.24 24.75
CA ASP B 61 16.44 11.94 25.32
C ASP B 61 16.29 12.08 26.83
N LEU B 62 15.60 11.14 27.47
CA LEU B 62 15.50 11.13 28.93
C LEU B 62 16.70 10.40 29.56
N ALA B 63 17.39 9.60 28.78
CA ALA B 63 18.53 8.82 29.28
C ALA B 63 19.74 9.73 29.50
N ALA B 64 19.75 10.40 30.64
CA ALA B 64 20.68 11.52 30.91
C ALA B 64 22.13 11.08 30.98
N GLU B 65 22.38 9.92 31.58
CA GLU B 65 23.75 9.48 31.78
C GLU B 65 24.37 9.06 30.43
N LYS B 66 23.66 8.26 29.66
CA LYS B 66 24.12 7.87 28.32
C LYS B 66 24.22 9.09 27.39
N GLY B 67 23.22 9.96 27.46
CA GLY B 67 23.14 11.13 26.59
C GLY B 67 24.30 12.08 26.82
N LYS B 68 24.57 12.36 28.10
CA LYS B 68 25.70 13.22 28.47
C LYS B 68 27.04 12.62 28.02
N ALA B 69 27.22 11.32 28.25
CA ALA B 69 28.46 10.65 27.85
C ALA B 69 28.67 10.75 26.33
N LEU B 70 27.60 10.55 25.57
CA LEU B 70 27.67 10.68 24.11
C LEU B 70 28.03 12.11 23.70
N ALA B 71 27.32 13.12 24.25
CA ALA B 71 27.62 14.52 23.93
C ALA B 71 29.08 14.87 24.25
N ASP B 72 29.58 14.35 25.38
CA ASP B 72 30.96 14.63 25.80
C ASP B 72 31.96 13.92 24.90
N GLU B 73 31.67 12.70 24.51
CA GLU B 73 32.55 11.98 23.58
C GLU B 73 32.67 12.73 22.26
N LEU B 74 31.54 13.18 21.72
CA LEU B 74 31.53 13.82 20.39
C LEU B 74 32.15 15.21 20.36
N GLY B 75 32.07 15.96 21.48
CA GLY B 75 32.70 17.30 21.55
C GLY B 75 31.71 18.43 21.43
N ASN B 76 32.22 19.65 21.12
CA ASN B 76 31.41 20.87 21.29
CA ASN B 76 31.49 20.93 21.19
C ASN B 76 30.29 21.08 20.27
N ARG B 77 30.23 20.28 19.22
CA ARG B 77 29.13 20.34 18.25
C ARG B 77 28.02 19.35 18.58
N ALA B 78 28.10 18.70 19.74
CA ALA B 78 27.05 17.80 20.21
C ALA B 78 26.67 18.17 21.63
N GLU B 79 25.37 18.34 21.88
CA GLU B 79 24.86 18.70 23.20
C GLU B 79 23.73 17.77 23.63
N PHE B 80 23.74 17.38 24.90
CA PHE B 80 22.65 16.61 25.46
C PHE B 80 21.60 17.54 26.09
N VAL B 81 20.34 17.30 25.79
CA VAL B 81 19.23 17.98 26.45
C VAL B 81 18.21 16.95 26.90
N SER B 82 17.94 16.87 28.20
CA SER B 82 16.93 15.95 28.74
C SER B 82 15.56 16.35 28.20
N THR B 83 14.95 15.49 27.39
CA THR B 83 13.76 15.88 26.64
C THR B 83 12.69 14.81 26.76
N ASN B 84 11.54 15.19 27.28
CA ASN B 84 10.34 14.36 27.20
C ASN B 84 9.56 14.78 25.96
N VAL B 85 9.47 13.90 24.98
CA VAL B 85 8.85 14.27 23.68
C VAL B 85 7.40 14.74 23.78
N THR B 86 6.69 14.42 24.88
CA THR B 86 5.30 14.86 25.00
C THR B 86 5.17 16.19 25.74
N SER B 87 6.29 16.79 26.14
CA SER B 87 6.26 18.08 26.83
C SER B 87 6.66 19.21 25.90
N GLU B 88 5.76 20.18 25.72
CA GLU B 88 6.09 21.31 24.86
C GLU B 88 7.33 22.07 25.35
N ASP B 89 7.38 22.41 26.65
CA ASP B 89 8.53 23.16 27.17
C ASP B 89 9.83 22.39 27.03
N SER B 90 9.77 21.09 27.24
CA SER B 90 10.96 20.26 27.14
C SER B 90 11.54 20.27 25.71
N VAL B 91 10.67 20.09 24.72
CA VAL B 91 11.07 20.10 23.32
C VAL B 91 11.54 21.49 22.90
N LEU B 92 10.88 22.55 23.38
CA LEU B 92 11.33 23.93 23.09
C LEU B 92 12.75 24.21 23.61
N ALA B 93 13.11 23.60 24.74
CA ALA B 93 14.46 23.71 25.28
C ALA B 93 15.46 23.00 24.37
N ALA B 94 15.10 21.86 23.79
CA ALA B 94 15.97 21.20 22.81
C ALA B 94 16.19 22.05 21.56
N ILE B 95 15.12 22.71 21.09
CA ILE B 95 15.20 23.61 19.94
C ILE B 95 16.09 24.83 20.22
N GLU B 96 15.96 25.44 21.41
CA GLU B 96 16.87 26.54 21.78
CA GLU B 96 16.88 26.53 21.80
C GLU B 96 18.33 26.05 21.79
N ALA B 97 18.59 24.87 22.34
CA ALA B 97 19.93 24.30 22.32
C ALA B 97 20.43 24.09 20.90
N ALA B 98 19.58 23.57 20.03
CA ALA B 98 19.95 23.33 18.63
C ALA B 98 20.33 24.62 17.92
N ASN B 99 19.62 25.69 18.24
CA ASN B 99 19.86 26.99 17.61
C ASN B 99 21.09 27.75 18.14
N GLN B 100 21.72 27.23 19.19
CA GLN B 100 23.05 27.69 19.60
C GLN B 100 24.15 26.93 18.85
N LEU B 101 23.82 25.82 18.20
CA LEU B 101 24.83 25.04 17.50
C LEU B 101 24.90 25.35 16.01
N GLY B 102 23.90 26.06 15.49
CA GLY B 102 23.79 26.37 14.07
C GLY B 102 22.35 26.74 13.84
N ARG B 103 21.90 26.80 12.58
CA ARG B 103 20.49 27.01 12.32
C ARG B 103 19.81 25.65 12.29
N LEU B 104 18.85 25.44 13.19
CA LEU B 104 18.09 24.18 13.21
C LEU B 104 17.33 24.03 11.90
N ARG B 105 17.67 22.96 11.17
CA ARG B 105 17.06 22.66 9.89
C ARG B 105 16.55 21.21 9.78
N TYR B 106 16.94 20.35 10.70
CA TYR B 106 16.69 18.91 10.59
C TYR B 106 16.31 18.27 11.92
N ALA B 107 15.46 17.25 11.83
CA ALA B 107 15.21 16.42 12.98
C ALA B 107 14.98 14.98 12.55
N VAL B 108 15.45 14.06 13.39
CA VAL B 108 15.12 12.65 13.24
C VAL B 108 14.42 12.22 14.53
N VAL B 109 13.19 11.75 14.39
CA VAL B 109 12.34 11.43 15.52
C VAL B 109 12.43 9.92 15.73
N ALA B 110 13.32 9.50 16.62
CA ALA B 110 13.71 8.11 16.76
C ALA B 110 13.56 7.60 18.20
N HIS B 111 12.72 8.23 18.99
CA HIS B 111 12.52 7.82 20.39
C HIS B 111 11.67 6.57 20.45
N GLY B 112 11.81 5.87 21.56
CA GLY B 112 10.99 4.69 21.80
C GLY B 112 10.94 4.34 23.23
N GLY B 113 10.39 3.17 23.49
CA GLY B 113 10.27 2.74 24.85
C GLY B 113 10.07 1.24 24.98
N PHE B 114 9.99 0.81 26.22
CA PHE B 114 9.78 -0.58 26.56
C PHE B 114 8.29 -0.88 26.39
N GLY B 115 7.97 -2.01 25.76
CA GLY B 115 6.56 -2.39 25.59
C GLY B 115 6.28 -3.78 26.12
N VAL B 116 5.07 -3.95 26.63
CA VAL B 116 4.56 -5.24 27.08
C VAL B 116 3.48 -5.73 26.09
N ALA B 117 3.63 -6.95 25.55
CA ALA B 117 2.62 -7.52 24.64
C ALA B 117 1.30 -7.66 25.38
N GLN B 118 0.19 -7.30 24.73
CA GLN B 118 -1.15 -7.60 25.27
C GLN B 118 -2.15 -7.77 24.13
N ARG B 119 -2.82 -8.91 24.14
CA ARG B 119 -3.82 -9.21 23.13
C ARG B 119 -5.10 -8.44 23.39
N ILE B 120 -5.84 -8.14 22.31
CA ILE B 120 -7.03 -7.33 22.43
CA ILE B 120 -7.09 -7.38 22.39
C ILE B 120 -8.03 -8.04 23.35
N VAL B 121 -8.12 -9.36 23.25
CA VAL B 121 -8.85 -10.17 24.22
C VAL B 121 -7.82 -11.18 24.77
N GLN B 122 -7.67 -11.20 26.08
CA GLN B 122 -6.62 -11.98 26.70
C GLN B 122 -7.12 -13.40 26.94
N ARG B 123 -6.19 -14.28 27.31
CA ARG B 123 -6.50 -15.69 27.56
C ARG B 123 -7.63 -15.87 28.57
N ASP B 124 -7.65 -15.06 29.64
CA ASP B 124 -8.71 -15.15 30.64
C ASP B 124 -10.07 -14.53 30.22
N GLY B 125 -10.17 -14.05 28.98
CA GLY B 125 -11.40 -13.42 28.47
C GLY B 125 -11.49 -11.91 28.64
N SER B 126 -10.59 -11.32 29.43
CA SER B 126 -10.62 -9.88 29.66
C SER B 126 -10.01 -9.12 28.47
N PRO B 127 -10.50 -7.90 28.24
CA PRO B 127 -9.99 -7.06 27.17
C PRO B 127 -8.61 -6.51 27.53
N ALA B 128 -7.82 -6.17 26.53
CA ALA B 128 -6.59 -5.40 26.76
C ALA B 128 -6.90 -4.17 27.61
N ASP B 129 -5.94 -3.79 28.45
CA ASP B 129 -6.03 -2.59 29.26
C ASP B 129 -5.94 -1.37 28.37
N MET B 130 -6.92 -0.50 28.49
CA MET B 130 -6.93 0.72 27.68
C MET B 130 -5.70 1.56 27.93
N GLY B 131 -5.25 1.63 29.20
CA GLY B 131 -4.06 2.39 29.57
C GLY B 131 -2.81 2.01 28.77
N GLY B 132 -2.63 0.71 28.53
CA GLY B 132 -1.51 0.25 27.73
C GLY B 132 -1.58 0.76 26.29
N PHE B 133 -2.77 0.80 25.72
CA PHE B 133 -2.95 1.33 24.39
C PHE B 133 -2.68 2.85 24.35
N THR B 134 -3.28 3.62 25.26
CA THR B 134 -3.14 5.06 25.23
C THR B 134 -1.71 5.51 25.51
N LYS B 135 -0.98 4.79 26.37
CA LYS B 135 0.43 5.10 26.64
C LYS B 135 1.29 4.91 25.39
N THR B 136 1.02 3.84 24.64
CA THR B 136 1.74 3.60 23.40
C THR B 136 1.43 4.68 22.35
N ILE B 137 0.14 4.97 22.15
CA ILE B 137 -0.27 6.07 21.26
C ILE B 137 0.38 7.38 21.69
N ASP B 138 0.38 7.68 23.01
CA ASP B 138 0.97 8.94 23.52
C ASP B 138 2.45 9.08 23.18
N LEU B 139 3.20 8.00 23.32
CA LEU B 139 4.65 8.06 23.16
C LEU B 139 5.03 8.14 21.69
N TYR B 140 4.48 7.22 20.91
CA TYR B 140 4.94 7.02 19.52
C TYR B 140 4.26 7.94 18.52
N LEU B 141 2.97 8.20 18.72
CA LEU B 141 2.20 9.04 17.81
C LEU B 141 2.13 10.47 18.29
N ASN B 142 1.56 10.70 19.47
CA ASN B 142 1.45 12.07 19.99
C ASN B 142 2.82 12.69 20.17
N GLY B 143 3.76 11.91 20.70
CA GLY B 143 5.12 12.35 20.88
C GLY B 143 5.78 12.77 19.58
N THR B 144 5.58 11.98 18.53
CA THR B 144 6.12 12.29 17.21
C THR B 144 5.52 13.62 16.71
N TYR B 145 4.21 13.78 16.87
CA TYR B 145 3.56 14.99 16.38
C TYR B 145 4.00 16.21 17.16
N ASN B 146 4.17 16.06 18.46
CA ASN B 146 4.62 17.16 19.28
C ASN B 146 6.02 17.64 18.87
N VAL B 147 6.95 16.71 18.72
CA VAL B 147 8.29 17.07 18.23
C VAL B 147 8.22 17.72 16.83
N ALA B 148 7.43 17.11 15.94
CA ALA B 148 7.33 17.61 14.56
C ALA B 148 6.77 19.02 14.48
N ARG B 149 5.70 19.30 15.22
CA ARG B 149 5.08 20.62 15.10
C ARG B 149 6.01 21.73 15.62
N LEU B 150 6.71 21.45 16.71
CA LEU B 150 7.56 22.45 17.33
C LEU B 150 8.85 22.66 16.55
N VAL B 151 9.46 21.57 16.09
CA VAL B 151 10.63 21.67 15.23
C VAL B 151 10.29 22.35 13.90
N ALA B 152 9.18 21.93 13.29
CA ALA B 152 8.76 22.53 12.01
C ALA B 152 8.53 24.02 12.16
N ALA B 153 7.93 24.44 13.26
CA ALA B 153 7.70 25.86 13.50
C ALA B 153 9.00 26.67 13.53
N SER B 154 10.06 26.10 14.12
CA SER B 154 11.35 26.74 14.18
C SER B 154 12.01 26.76 12.79
N ILE B 155 11.98 25.63 12.12
CA ILE B 155 12.56 25.50 10.78
C ILE B 155 11.86 26.42 9.79
N ALA B 156 10.54 26.53 9.89
CA ALA B 156 9.77 27.41 9.00
C ALA B 156 10.22 28.89 9.04
N ALA B 157 10.88 29.29 10.11
CA ALA B 157 11.42 30.64 10.27
C ALA B 157 12.83 30.78 9.70
N ALA B 158 13.47 29.69 9.31
CA ALA B 158 14.83 29.77 8.75
C ALA B 158 14.77 30.28 7.31
N GLU B 159 15.86 30.91 6.87
CA GLU B 159 15.98 31.34 5.48
C GLU B 159 16.10 30.10 4.61
N PRO B 160 15.33 30.04 3.51
CA PRO B 160 15.46 28.90 2.62
C PRO B 160 16.80 28.93 1.90
N ARG B 161 17.29 27.76 1.51
CA ARG B 161 18.39 27.67 0.57
C ARG B 161 17.91 28.16 -0.80
N GLU B 162 18.83 28.30 -1.77
CA GLU B 162 18.45 28.77 -3.11
C GLU B 162 17.44 27.85 -3.78
N ASN B 163 17.48 26.57 -3.44
CA ASN B 163 16.53 25.59 -4.00
C ASN B 163 15.13 25.64 -3.36
N GLY B 164 14.89 26.59 -2.46
CA GLY B 164 13.60 26.72 -1.75
C GLY B 164 13.45 25.92 -0.48
N GLU B 165 14.40 25.04 -0.16
CA GLU B 165 14.27 24.16 0.98
C GLU B 165 14.79 24.80 2.26
N ARG B 166 13.95 24.81 3.29
CA ARG B 166 14.33 25.26 4.63
C ARG B 166 14.90 24.11 5.47
N GLY B 167 14.36 22.90 5.31
CA GLY B 167 14.85 21.74 6.04
C GLY B 167 14.07 20.46 5.75
N ALA B 168 14.21 19.49 6.65
CA ALA B 168 13.59 18.18 6.47
C ALA B 168 13.47 17.45 7.79
N LEU B 169 12.40 16.65 7.90
CA LEU B 169 12.16 15.80 9.05
C LEU B 169 12.16 14.35 8.61
N VAL B 170 12.65 13.48 9.49
CA VAL B 170 12.55 12.05 9.35
C VAL B 170 11.81 11.54 10.58
N LEU B 171 10.65 10.93 10.35
CA LEU B 171 9.89 10.28 11.39
C LEU B 171 10.24 8.78 11.39
N THR B 172 10.06 8.10 12.51
CA THR B 172 10.31 6.67 12.57
C THR B 172 9.01 5.95 12.85
N ALA B 173 8.67 5.02 11.99
CA ALA B 173 7.49 4.19 12.19
C ALA B 173 7.98 2.75 12.48
N SER B 174 7.47 1.77 11.76
CA SER B 174 7.85 0.37 11.91
C SER B 174 7.04 -0.35 10.85
N ILE B 175 7.56 -1.47 10.36
CA ILE B 175 6.75 -2.26 9.45
C ILE B 175 5.53 -2.85 10.17
N ALA B 176 5.55 -2.86 11.50
CA ALA B 176 4.35 -3.22 12.30
C ALA B 176 3.13 -2.36 11.95
N GLY B 177 3.38 -1.14 11.47
CA GLY B 177 2.30 -0.26 10.97
C GLY B 177 1.63 -0.73 9.69
N TYR B 178 2.27 -1.67 8.99
CA TYR B 178 1.66 -2.35 7.84
C TYR B 178 1.23 -3.80 8.10
N GLU B 179 1.97 -4.49 8.98
CA GLU B 179 1.88 -5.93 9.20
C GLU B 179 1.89 -6.21 10.69
N GLY B 180 0.98 -5.56 11.41
CA GLY B 180 0.98 -5.64 12.87
C GLY B 180 0.78 -7.05 13.38
N GLN B 181 1.31 -7.29 14.58
CA GLN B 181 1.45 -8.62 15.09
C GLN B 181 0.57 -8.88 16.31
N ILE B 182 0.36 -10.16 16.57
CA ILE B 182 -0.48 -10.62 17.68
C ILE B 182 0.10 -10.09 18.98
N GLY B 183 -0.76 -9.53 19.82
CA GLY B 183 -0.29 -8.94 21.07
C GLY B 183 0.28 -7.54 20.92
N GLN B 184 0.42 -7.06 19.70
CA GLN B 184 1.06 -5.74 19.46
C GLN B 184 0.12 -4.77 18.69
N THR B 185 -1.18 -4.85 18.95
CA THR B 185 -2.14 -3.95 18.30
C THR B 185 -1.90 -2.47 18.60
N ALA B 186 -1.47 -2.15 19.82
CA ALA B 186 -1.25 -0.75 20.19
C ALA B 186 -0.07 -0.16 19.40
N TYR B 187 1.03 -0.92 19.35
CA TYR B 187 2.21 -0.49 18.61
C TYR B 187 1.89 -0.38 17.13
N ALA B 188 1.20 -1.38 16.58
CA ALA B 188 0.74 -1.33 15.16
C ALA B 188 -0.08 -0.07 14.86
N ALA B 189 -1.03 0.26 15.73
CA ALA B 189 -1.90 1.40 15.50
C ALA B 189 -1.09 2.71 15.57
N ALA B 190 -0.23 2.85 16.57
CA ALA B 190 0.59 4.05 16.74
C ALA B 190 1.51 4.23 15.55
N LYS B 191 2.17 3.16 15.12
CA LYS B 191 3.14 3.26 14.01
C LYS B 191 2.44 3.45 12.67
N ALA B 192 1.25 2.87 12.51
CA ALA B 192 0.43 3.16 11.34
C ALA B 192 0.03 4.65 11.28
N GLY B 193 -0.25 5.22 12.45
CA GLY B 193 -0.56 6.65 12.53
C GLY B 193 0.59 7.50 12.01
N VAL B 194 1.81 7.16 12.43
CA VAL B 194 3.00 7.87 11.95
C VAL B 194 3.16 7.72 10.42
N ILE B 195 2.94 6.51 9.93
CA ILE B 195 2.99 6.25 8.49
C ILE B 195 2.06 7.17 7.73
N GLY B 196 0.80 7.21 8.17
CA GLY B 196 -0.23 8.01 7.51
C GLY B 196 0.00 9.51 7.64
N LEU B 197 0.58 9.92 8.76
CA LEU B 197 0.97 11.30 9.00
C LEU B 197 1.96 11.82 7.97
N THR B 198 2.79 10.94 7.42
CA THR B 198 3.88 11.35 6.55
C THR B 198 3.44 12.19 5.37
N ILE B 199 2.55 11.66 4.54
CA ILE B 199 2.09 12.39 3.37
C ILE B 199 1.30 13.65 3.76
N ALA B 200 0.52 13.58 4.84
CA ALA B 200 -0.25 14.74 5.28
C ALA B 200 0.67 15.87 5.72
N ALA B 201 1.68 15.55 6.52
CA ALA B 201 2.63 16.54 7.03
C ALA B 201 3.51 17.12 5.88
N ALA B 202 3.95 16.27 4.95
CA ALA B 202 4.65 16.74 3.75
C ALA B 202 3.80 17.77 2.98
N ARG B 203 2.53 17.46 2.76
CA ARG B 203 1.61 18.42 2.08
C ARG B 203 1.44 19.72 2.89
N ASP B 204 1.20 19.58 4.18
CA ASP B 204 1.00 20.71 5.06
CA ASP B 204 1.04 20.72 5.09
C ASP B 204 2.22 21.64 5.05
N LEU B 205 3.42 21.06 5.10
CA LEU B 205 4.66 21.82 5.18
C LEU B 205 5.28 22.18 3.85
N SER B 206 4.62 21.84 2.74
CA SER B 206 5.21 22.10 1.43
C SER B 206 5.38 23.60 1.14
N SER B 207 4.45 24.41 1.60
CA SER B 207 4.54 25.87 1.40
C SER B 207 5.73 26.47 2.16
N ALA B 208 6.23 25.77 3.19
CA ALA B 208 7.41 26.18 3.95
C ALA B 208 8.74 25.60 3.42
N GLY B 209 8.68 24.72 2.42
CA GLY B 209 9.87 24.03 1.94
C GLY B 209 10.53 23.11 2.99
N ILE B 210 9.72 22.40 3.75
CA ILE B 210 10.21 21.45 4.73
C ILE B 210 9.72 20.07 4.29
N ARG B 211 10.65 19.21 3.89
CA ARG B 211 10.32 17.85 3.47
C ARG B 211 10.05 16.97 4.68
N VAL B 212 9.18 15.98 4.51
CA VAL B 212 8.84 15.06 5.59
C VAL B 212 8.82 13.65 5.02
N ASN B 213 9.67 12.79 5.59
CA ASN B 213 9.73 11.40 5.20
C ASN B 213 9.82 10.53 6.45
N THR B 214 9.62 9.25 6.27
CA THR B 214 9.57 8.31 7.39
C THR B 214 10.34 7.04 7.07
N ILE B 215 11.02 6.50 8.07
CA ILE B 215 11.63 5.18 7.94
C ILE B 215 10.75 4.21 8.73
N ALA B 216 10.42 3.08 8.12
CA ALA B 216 9.72 1.97 8.80
C ALA B 216 10.71 0.84 8.95
N PRO B 217 11.36 0.75 10.12
CA PRO B 217 12.33 -0.33 10.28
C PRO B 217 11.65 -1.67 10.47
N GLY B 218 12.35 -2.73 10.09
CA GLY B 218 11.98 -4.11 10.45
C GLY B 218 12.57 -4.43 11.81
N THR B 219 13.20 -5.60 11.95
CA THR B 219 13.80 -5.99 13.23
C THR B 219 15.25 -5.53 13.30
N MET B 220 15.54 -4.62 14.24
CA MET B 220 16.81 -3.94 14.31
C MET B 220 17.57 -4.32 15.59
N LYS B 221 18.90 -4.25 15.53
CA LYS B 221 19.78 -4.64 16.62
C LYS B 221 19.91 -3.46 17.56
N THR B 222 18.92 -3.28 18.42
CA THR B 222 18.91 -2.20 19.38
C THR B 222 19.23 -2.78 20.77
N PRO B 223 19.39 -1.90 21.79
CA PRO B 223 19.80 -2.42 23.11
C PRO B 223 18.90 -3.55 23.63
N ILE B 224 17.59 -3.47 23.40
CA ILE B 224 16.65 -4.56 23.74
C ILE B 224 17.11 -5.95 23.26
N MET B 225 17.81 -6.01 22.12
CA MET B 225 18.24 -7.29 21.55
C MET B 225 19.59 -7.79 22.06
N GLU B 226 20.30 -7.01 22.88
CA GLU B 226 21.68 -7.36 23.24
C GLU B 226 21.80 -8.75 23.87
N SER B 227 20.84 -9.12 24.74
CA SER B 227 20.89 -10.41 25.45
C SER B 227 20.02 -11.51 24.83
N VAL B 228 19.41 -11.24 23.67
CA VAL B 228 18.54 -12.22 23.02
C VAL B 228 19.35 -13.48 22.68
N GLY B 229 18.75 -14.64 22.93
CA GLY B 229 19.43 -15.92 22.72
C GLY B 229 19.69 -16.26 21.27
N GLU B 230 20.61 -17.20 21.04
CA GLU B 230 21.02 -17.61 19.70
C GLU B 230 19.86 -18.26 18.95
N GLU B 231 19.02 -19.00 19.68
CA GLU B 231 17.83 -19.61 19.08
C GLU B 231 16.85 -18.54 18.63
N ALA B 232 16.65 -17.52 19.48
CA ALA B 232 15.71 -16.43 19.18
C ALA B 232 16.20 -15.52 18.04
N LEU B 233 17.51 -15.25 17.99
CA LEU B 233 18.10 -14.58 16.83
C LEU B 233 17.87 -15.38 15.53
N ALA B 234 18.00 -16.71 15.62
CA ALA B 234 17.76 -17.57 14.46
C ALA B 234 16.30 -17.47 13.99
N LYS B 235 15.37 -17.40 14.94
CA LYS B 235 13.94 -17.27 14.63
C LYS B 235 13.65 -15.98 13.85
N PHE B 236 14.21 -14.85 14.30
CA PHE B 236 14.11 -13.58 13.52
C PHE B 236 14.75 -13.73 12.15
N ALA B 237 15.98 -14.22 12.11
CA ALA B 237 16.73 -14.38 10.86
C ALA B 237 16.01 -15.25 9.84
N ALA B 238 15.28 -16.26 10.31
CA ALA B 238 14.58 -17.17 9.40
C ALA B 238 13.43 -16.48 8.67
N ASN B 239 12.93 -15.38 9.23
CA ASN B 239 11.89 -14.62 8.56
C ASN B 239 12.44 -13.44 7.72
N ILE B 240 13.77 -13.23 7.70
CA ILE B 240 14.34 -12.07 7.01
C ILE B 240 15.11 -12.54 5.77
N PRO B 241 14.59 -12.26 4.56
CA PRO B 241 15.22 -12.83 3.37
C PRO B 241 16.70 -12.50 3.21
N PHE B 242 17.06 -11.21 3.19
CA PHE B 242 18.46 -10.85 3.06
C PHE B 242 18.68 -9.37 3.32
N PRO B 243 19.69 -9.05 4.15
CA PRO B 243 20.57 -9.94 4.89
C PRO B 243 19.88 -10.67 6.00
N LYS B 244 20.31 -11.88 6.27
CA LYS B 244 19.63 -12.75 7.21
C LYS B 244 20.05 -12.46 8.64
N ARG B 245 19.68 -11.29 9.10
CA ARG B 245 20.16 -10.77 10.37
C ARG B 245 19.37 -9.53 10.67
N LEU B 246 19.54 -9.05 11.89
CA LEU B 246 18.92 -7.79 12.34
C LEU B 246 19.61 -6.62 11.65
N GLY B 247 18.85 -5.56 11.36
CA GLY B 247 19.40 -4.35 10.77
C GLY B 247 20.25 -3.60 11.78
N THR B 248 21.33 -2.99 11.34
CA THR B 248 22.19 -2.29 12.27
C THR B 248 21.72 -0.84 12.46
N PRO B 249 22.01 -0.27 13.64
CA PRO B 249 21.78 1.16 13.82
C PRO B 249 22.46 2.05 12.77
N ASP B 250 23.67 1.70 12.35
CA ASP B 250 24.34 2.44 11.27
C ASP B 250 23.56 2.39 9.94
N GLU B 251 22.88 1.29 9.65
CA GLU B 251 22.07 1.20 8.43
C GLU B 251 20.85 2.12 8.49
N PHE B 252 20.25 2.22 9.67
CA PHE B 252 19.17 3.16 9.93
C PHE B 252 19.66 4.61 9.76
N ALA B 253 20.79 4.90 10.38
CA ALA B 253 21.41 6.23 10.30
C ALA B 253 21.70 6.66 8.86
N ASP B 254 22.19 5.73 8.07
CA ASP B 254 22.50 5.97 6.67
C ASP B 254 21.20 6.29 5.89
N ALA B 255 20.14 5.54 6.14
CA ALA B 255 18.82 5.84 5.58
C ALA B 255 18.30 7.24 5.99
N ALA B 256 18.45 7.59 7.26
CA ALA B 256 18.02 8.90 7.72
C ALA B 256 18.83 10.00 7.04
N ALA B 257 20.16 9.82 6.94
CA ALA B 257 21.00 10.83 6.29
C ALA B 257 20.57 11.04 4.82
N PHE B 258 20.27 9.94 4.13
CA PHE B 258 19.76 10.00 2.78
C PHE B 258 18.45 10.80 2.68
N LEU B 259 17.48 10.51 3.56
CA LEU B 259 16.22 11.22 3.53
C LEU B 259 16.36 12.72 3.84
N LEU B 260 17.37 13.08 4.62
CA LEU B 260 17.63 14.47 4.94
C LEU B 260 18.31 15.21 3.79
N THR B 261 19.01 14.49 2.90
CA THR B 261 19.86 15.11 1.89
C THR B 261 19.32 15.06 0.47
N ASN B 262 18.61 14.01 0.11
CA ASN B 262 18.10 13.90 -1.25
C ASN B 262 16.97 14.90 -1.45
N GLY B 263 17.10 15.73 -2.47
CA GLY B 263 16.24 16.90 -2.60
C GLY B 263 14.85 16.65 -3.11
N TYR B 264 14.58 15.45 -3.67
CA TYR B 264 13.26 15.19 -4.26
C TYR B 264 12.41 14.17 -3.50
N ILE B 265 12.97 13.48 -2.51
CA ILE B 265 12.18 12.51 -1.74
C ILE B 265 11.37 13.26 -0.70
N ASN B 266 10.05 13.07 -0.75
CA ASN B 266 9.14 13.80 0.11
C ASN B 266 7.83 13.06 0.22
N GLY B 267 7.30 13.03 1.45
CA GLY B 267 6.03 12.38 1.71
C GLY B 267 6.08 10.87 1.59
N GLU B 268 7.28 10.31 1.74
CA GLU B 268 7.52 8.89 1.48
C GLU B 268 7.85 8.11 2.74
N VAL B 269 7.43 6.86 2.78
CA VAL B 269 7.77 5.94 3.85
C VAL B 269 8.74 4.91 3.27
N MET B 270 9.91 4.80 3.89
CA MET B 270 10.94 3.87 3.43
C MET B 270 11.02 2.66 4.33
N ARG B 271 10.69 1.49 3.83
CA ARG B 271 10.85 0.24 4.57
C ARG B 271 12.33 -0.12 4.65
N LEU B 272 12.82 -0.42 5.85
CA LEU B 272 14.23 -0.75 6.04
C LEU B 272 14.29 -2.02 6.83
N ASP B 273 14.26 -3.14 6.13
CA ASP B 273 13.85 -4.38 6.75
C ASP B 273 14.40 -5.69 6.20
N GLY B 274 15.41 -5.64 5.33
CA GLY B 274 15.94 -6.87 4.72
C GLY B 274 14.91 -7.68 3.96
N ALA B 275 13.90 -6.99 3.42
CA ALA B 275 12.73 -7.61 2.75
C ALA B 275 11.80 -8.42 3.65
N GLN B 276 11.94 -8.28 4.97
CA GLN B 276 11.03 -8.97 5.89
C GLN B 276 9.60 -8.46 5.74
N ARG B 277 8.66 -9.39 5.84
CA ARG B 277 7.25 -9.08 6.10
C ARG B 277 6.84 -9.76 7.42
N PHE B 278 6.40 -8.99 8.42
CA PHE B 278 6.07 -9.58 9.73
C PHE B 278 4.94 -10.62 9.60
N THR B 279 5.15 -11.77 10.22
CA THR B 279 4.12 -12.79 10.37
C THR B 279 3.28 -12.47 11.64
N PRO B 280 2.15 -13.18 11.83
CA PRO B 280 1.30 -12.86 13.01
C PRO B 280 2.04 -12.92 14.36
N LYS B 281 2.94 -13.90 14.49
CA LYS B 281 3.69 -14.11 15.72
C LYS B 281 5.18 -14.17 15.37
N THR C 24 37.24 5.68 -4.34
CA THR C 24 36.28 4.57 -4.67
C THR C 24 35.73 3.97 -3.40
N ILE C 25 34.40 4.01 -3.27
CA ILE C 25 33.71 3.54 -2.06
C ILE C 25 33.86 2.03 -1.95
N LYS C 26 33.89 1.54 -0.72
CA LYS C 26 34.34 0.18 -0.47
C LYS C 26 33.54 -0.90 -1.21
N GLN C 27 32.23 -0.75 -1.22
CA GLN C 27 31.32 -1.70 -1.87
C GLN C 27 31.65 -1.85 -3.37
N PHE C 28 32.19 -0.79 -3.95
CA PHE C 28 32.40 -0.72 -5.40
C PHE C 28 33.79 -1.14 -5.82
N GLU C 29 34.66 -1.48 -4.85
CA GLU C 29 36.00 -1.95 -5.17
C GLU C 29 35.96 -3.23 -6.02
N GLY C 30 36.72 -3.21 -7.12
CA GLY C 30 36.77 -4.33 -8.05
C GLY C 30 35.54 -4.53 -8.95
N ALA C 31 34.52 -3.68 -8.78
CA ALA C 31 33.20 -3.95 -9.34
C ALA C 31 32.83 -3.09 -10.54
N SER C 32 31.83 -3.59 -11.25
CA SER C 32 31.24 -2.91 -12.37
C SER C 32 29.71 -3.03 -12.34
N ALA C 33 29.08 -2.25 -13.21
CA ALA C 33 27.66 -2.10 -13.23
C ALA C 33 27.17 -1.93 -14.65
N ILE C 34 25.87 -2.19 -14.85
CA ILE C 34 25.20 -1.94 -16.13
C ILE C 34 24.03 -1.02 -15.84
N VAL C 35 23.89 0.03 -16.65
CA VAL C 35 22.72 0.90 -16.60
C VAL C 35 21.97 0.85 -17.93
N SER C 36 20.76 0.29 -17.92
CA SER C 36 19.93 0.33 -19.11
C SER C 36 19.33 1.72 -19.27
N GLY C 37 19.21 2.18 -20.51
CA GLY C 37 18.81 3.57 -20.79
C GLY C 37 19.92 4.54 -20.41
N GLY C 38 21.16 4.05 -20.36
CA GLY C 38 22.27 4.83 -19.81
C GLY C 38 22.75 6.01 -20.62
N ALA C 39 22.30 6.14 -21.87
CA ALA C 39 22.82 7.17 -22.77
C ALA C 39 22.24 8.56 -22.51
N GLY C 40 21.09 8.65 -21.88
CA GLY C 40 20.44 9.96 -21.64
C GLY C 40 19.54 9.93 -20.42
N GLY C 41 19.07 11.10 -20.00
CA GLY C 41 18.06 11.20 -18.99
C GLY C 41 18.49 10.63 -17.64
N LEU C 42 17.57 9.88 -17.02
CA LEU C 42 17.81 9.33 -15.70
C LEU C 42 18.97 8.35 -15.75
N GLY C 43 19.03 7.51 -16.79
CA GLY C 43 20.10 6.54 -16.95
C GLY C 43 21.46 7.22 -17.08
N GLU C 44 21.54 8.31 -17.85
CA GLU C 44 22.80 9.03 -18.02
C GLU C 44 23.31 9.55 -16.70
N ALA C 45 22.43 10.19 -15.93
CA ALA C 45 22.78 10.70 -14.59
C ALA C 45 23.27 9.58 -13.68
N THR C 46 22.65 8.41 -13.80
CA THR C 46 23.02 7.24 -13.00
C THR C 46 24.41 6.75 -13.39
N VAL C 47 24.66 6.67 -14.70
CA VAL C 47 25.99 6.33 -15.21
C VAL C 47 27.07 7.27 -14.65
N ARG C 48 26.81 8.56 -14.71
CA ARG C 48 27.79 9.55 -14.26
C ARG C 48 28.05 9.44 -12.77
N ARG C 49 26.99 9.18 -11.99
CA ARG C 49 27.13 9.01 -10.55
C ARG C 49 27.91 7.73 -10.20
N LEU C 50 27.48 6.59 -10.76
CA LEU C 50 28.18 5.34 -10.50
C LEU C 50 29.65 5.38 -10.93
N HIS C 51 29.93 6.00 -12.08
CA HIS C 51 31.28 6.19 -12.56
C HIS C 51 32.11 7.06 -11.59
N ALA C 52 31.54 8.19 -11.17
CA ALA C 52 32.19 9.08 -10.22
C ALA C 52 32.46 8.37 -8.90
N ASP C 53 31.55 7.48 -8.48
CA ASP C 53 31.77 6.69 -7.26
C ASP C 53 32.77 5.52 -7.44
N GLY C 54 33.27 5.28 -8.65
CA GLY C 54 34.38 4.34 -8.85
C GLY C 54 34.06 3.01 -9.53
N LEU C 55 32.80 2.83 -9.95
CA LEU C 55 32.43 1.60 -10.65
C LEU C 55 32.86 1.68 -12.10
N GLY C 56 33.19 0.54 -12.70
CA GLY C 56 33.20 0.43 -14.15
C GLY C 56 31.74 0.40 -14.55
N VAL C 57 31.38 1.12 -15.59
CA VAL C 57 29.98 1.22 -16.01
C VAL C 57 29.79 0.94 -17.51
N VAL C 58 28.86 0.04 -17.81
CA VAL C 58 28.39 -0.16 -19.18
C VAL C 58 27.09 0.63 -19.40
N ILE C 59 27.12 1.43 -20.45
CA ILE C 59 26.00 2.23 -20.90
C ILE C 59 25.27 1.32 -21.87
N ALA C 60 24.15 0.74 -21.44
CA ALA C 60 23.40 -0.19 -22.26
C ALA C 60 22.17 0.52 -22.83
N ASP C 61 22.16 0.78 -24.13
CA ASP C 61 21.18 1.67 -24.73
C ASP C 61 21.25 1.48 -26.23
N LEU C 62 20.19 1.89 -26.92
CA LEU C 62 20.16 1.82 -28.37
C LEU C 62 20.59 3.14 -29.02
N ALA C 63 20.60 4.23 -28.25
CA ALA C 63 21.03 5.54 -28.77
C ALA C 63 22.56 5.59 -28.90
N ALA C 64 23.05 5.20 -30.08
CA ALA C 64 24.48 4.93 -30.28
C ALA C 64 25.38 6.17 -30.28
N GLU C 65 24.98 7.24 -30.96
CA GLU C 65 25.80 8.46 -30.96
C GLU C 65 25.92 9.06 -29.55
N LYS C 66 24.80 9.20 -28.85
CA LYS C 66 24.81 9.71 -27.49
C LYS C 66 25.58 8.81 -26.52
N GLY C 67 25.38 7.51 -26.63
CA GLY C 67 26.03 6.54 -25.74
C GLY C 67 27.54 6.49 -25.90
N LYS C 68 28.01 6.46 -27.13
CA LYS C 68 29.45 6.46 -27.40
C LYS C 68 30.05 7.80 -26.97
N ALA C 69 29.32 8.90 -27.19
CA ALA C 69 29.84 10.21 -26.74
C ALA C 69 30.01 10.24 -25.21
N LEU C 70 29.04 9.70 -24.48
CA LEU C 70 29.12 9.64 -23.02
C LEU C 70 30.27 8.72 -22.61
N ALA C 71 30.37 7.53 -23.21
CA ALA C 71 31.44 6.60 -22.87
C ALA C 71 32.83 7.20 -23.14
N ASP C 72 32.97 7.86 -24.29
CA ASP C 72 34.23 8.54 -24.63
C ASP C 72 34.55 9.73 -23.70
N GLU C 73 33.54 10.48 -23.31
CA GLU C 73 33.72 11.57 -22.34
C GLU C 73 34.26 11.04 -21.01
N LEU C 74 33.63 10.00 -20.47
CA LEU C 74 33.98 9.51 -19.15
C LEU C 74 35.33 8.77 -19.13
N GLY C 75 35.72 8.21 -20.27
CA GLY C 75 37.04 7.56 -20.38
C GLY C 75 37.01 6.06 -20.05
N ASN C 76 38.10 5.57 -19.47
CA ASN C 76 38.41 4.15 -19.35
C ASN C 76 37.36 3.18 -18.72
N ARG C 77 36.73 3.65 -17.65
CA ARG C 77 35.81 2.83 -16.87
C ARG C 77 34.35 2.97 -17.32
N ALA C 78 34.14 3.49 -18.53
CA ALA C 78 32.80 3.60 -19.10
C ALA C 78 32.84 3.05 -20.52
N GLU C 79 31.92 2.15 -20.82
CA GLU C 79 31.85 1.54 -22.14
C GLU C 79 30.40 1.53 -22.65
N PHE C 80 30.22 1.98 -23.89
CA PHE C 80 28.93 1.90 -24.54
C PHE C 80 28.74 0.52 -25.18
N VAL C 81 27.60 -0.11 -24.91
CA VAL C 81 27.22 -1.31 -25.61
C VAL C 81 25.80 -1.12 -26.14
N SER C 82 25.63 -1.22 -27.46
CA SER C 82 24.30 -1.17 -28.05
C SER C 82 23.46 -2.35 -27.55
N THR C 83 22.41 -2.04 -26.81
CA THR C 83 21.67 -3.05 -26.09
C THR C 83 20.16 -2.90 -26.25
N ASN C 84 19.54 -3.96 -26.74
CA ASN C 84 18.07 -4.09 -26.79
C ASN C 84 17.68 -4.91 -25.58
N VAL C 85 17.03 -4.28 -24.59
CA VAL C 85 16.69 -4.96 -23.33
C VAL C 85 15.80 -6.20 -23.48
N THR C 86 15.07 -6.34 -24.58
CA THR C 86 14.18 -7.50 -24.75
C THR C 86 14.88 -8.66 -25.46
N SER C 87 16.13 -8.46 -25.89
CA SER C 87 16.91 -9.52 -26.53
C SER C 87 17.93 -10.14 -25.56
N GLU C 88 17.83 -11.46 -25.34
CA GLU C 88 18.78 -12.19 -24.51
C GLU C 88 20.22 -12.01 -24.99
N ASP C 89 20.48 -12.22 -26.27
CA ASP C 89 21.85 -12.12 -26.77
C ASP C 89 22.42 -10.71 -26.61
N SER C 90 21.59 -9.70 -26.80
CA SER C 90 22.02 -8.31 -26.67
C SER C 90 22.43 -7.98 -25.22
N VAL C 91 21.63 -8.43 -24.28
CA VAL C 91 21.93 -8.22 -22.85
C VAL C 91 23.14 -9.06 -22.39
N LEU C 92 23.24 -10.31 -22.86
CA LEU C 92 24.42 -11.12 -22.58
C LEU C 92 25.73 -10.44 -23.05
N ALA C 93 25.71 -9.78 -24.21
CA ALA C 93 26.87 -9.02 -24.69
C ALA C 93 27.20 -7.83 -23.77
N ALA C 94 26.18 -7.14 -23.26
CA ALA C 94 26.38 -6.07 -22.27
C ALA C 94 27.02 -6.62 -21.00
N ILE C 95 26.56 -7.78 -20.55
CA ILE C 95 27.13 -8.44 -19.39
C ILE C 95 28.61 -8.84 -19.58
N GLU C 96 28.94 -9.40 -20.75
CA GLU C 96 30.32 -9.76 -21.03
CA GLU C 96 30.32 -9.75 -21.04
C GLU C 96 31.20 -8.51 -20.98
N ALA C 97 30.69 -7.40 -21.55
CA ALA C 97 31.42 -6.12 -21.54
C ALA C 97 31.64 -5.60 -20.12
N ALA C 98 30.62 -5.70 -19.29
CA ALA C 98 30.73 -5.25 -17.90
C ALA C 98 31.77 -6.06 -17.14
N ASN C 99 31.82 -7.38 -17.41
CA ASN C 99 32.81 -8.25 -16.76
C ASN C 99 34.24 -8.10 -17.25
N GLN C 100 34.47 -7.22 -18.22
CA GLN C 100 35.83 -6.81 -18.61
C GLN C 100 36.24 -5.49 -17.93
N LEU C 101 35.27 -4.80 -17.29
CA LEU C 101 35.55 -3.58 -16.55
C LEU C 101 35.78 -3.83 -15.05
N GLY C 102 35.47 -5.03 -14.58
CA GLY C 102 35.53 -5.40 -13.17
C GLY C 102 34.58 -6.59 -12.99
N ARG C 103 34.23 -6.93 -11.75
CA ARG C 103 33.23 -7.96 -11.56
C ARG C 103 31.88 -7.27 -11.56
N LEU C 104 31.00 -7.70 -12.46
CA LEU C 104 29.65 -7.19 -12.49
C LEU C 104 28.91 -7.55 -11.20
N ARG C 105 28.50 -6.53 -10.45
CA ARG C 105 27.76 -6.76 -9.21
C ARG C 105 26.48 -5.93 -9.12
N TYR C 106 26.29 -4.95 -10.01
CA TYR C 106 25.18 -3.98 -9.89
C TYR C 106 24.53 -3.66 -11.21
N ALA C 107 23.24 -3.36 -11.18
CA ALA C 107 22.54 -2.88 -12.37
C ALA C 107 21.43 -1.96 -11.95
N VAL C 108 21.22 -0.93 -12.75
CA VAL C 108 20.09 -0.03 -12.62
C VAL C 108 19.36 -0.11 -13.96
N VAL C 109 18.10 -0.54 -13.91
CA VAL C 109 17.26 -0.73 -15.09
C VAL C 109 16.48 0.56 -15.28
N ALA C 110 17.01 1.48 -16.08
CA ALA C 110 16.47 2.85 -16.17
C ALA C 110 16.02 3.23 -17.59
N HIS C 111 15.84 2.26 -18.47
CA HIS C 111 15.38 2.57 -19.82
C HIS C 111 13.97 3.20 -19.77
N GLY C 112 13.82 4.34 -20.47
CA GLY C 112 12.60 5.17 -20.42
C GLY C 112 11.85 5.24 -21.74
N GLY C 113 11.09 6.33 -21.93
CA GLY C 113 10.35 6.59 -23.20
C GLY C 113 8.93 7.03 -22.99
N VAL C 116 2.60 7.16 -26.55
CA VAL C 116 1.47 8.09 -26.45
C VAL C 116 0.21 7.51 -25.74
N ALA C 117 -0.55 8.41 -25.12
CA ALA C 117 -1.67 8.01 -24.32
C ALA C 117 -2.77 7.43 -25.19
N GLN C 118 -3.48 6.44 -24.65
CA GLN C 118 -4.69 5.91 -25.26
C GLN C 118 -5.60 5.38 -24.17
N ARG C 119 -6.84 5.85 -24.17
CA ARG C 119 -7.84 5.38 -23.20
C ARG C 119 -8.26 3.98 -23.56
N ILE C 120 -8.68 3.22 -22.57
CA ILE C 120 -9.15 1.86 -22.77
C ILE C 120 -10.41 1.82 -23.66
N VAL C 121 -11.28 2.82 -23.52
CA VAL C 121 -12.31 3.11 -24.51
C VAL C 121 -12.08 4.54 -24.99
N GLN C 122 -11.77 4.68 -26.27
CA GLN C 122 -11.42 5.97 -26.85
C GLN C 122 -12.66 6.84 -26.99
N ARG C 123 -12.45 8.13 -27.29
CA ARG C 123 -13.55 9.10 -27.30
C ARG C 123 -14.58 8.80 -28.39
N ASP C 124 -14.13 8.17 -29.47
CA ASP C 124 -15.06 7.72 -30.51
C ASP C 124 -15.73 6.37 -30.20
N GLY C 125 -15.48 5.81 -29.02
CA GLY C 125 -16.12 4.59 -28.60
C GLY C 125 -15.33 3.31 -28.87
N SER C 126 -14.24 3.41 -29.62
CA SER C 126 -13.46 2.22 -29.95
CA SER C 126 -13.42 2.25 -29.96
C SER C 126 -12.55 1.79 -28.78
N PRO C 127 -12.30 0.48 -28.65
CA PRO C 127 -11.34 0.01 -27.66
C PRO C 127 -9.91 0.48 -27.96
N ALA C 128 -9.09 0.54 -26.92
CA ALA C 128 -7.66 0.74 -27.06
C ALA C 128 -7.07 -0.34 -27.98
N ASP C 129 -6.07 0.04 -28.77
CA ASP C 129 -5.42 -0.91 -29.64
CA ASP C 129 -5.35 -0.90 -29.66
C ASP C 129 -4.54 -1.81 -28.77
N MET C 130 -4.63 -3.11 -28.99
CA MET C 130 -3.94 -4.07 -28.14
C MET C 130 -2.41 -3.97 -28.35
N GLY C 131 -2.00 -3.75 -29.60
CA GLY C 131 -0.59 -3.59 -29.96
C GLY C 131 0.15 -2.59 -29.09
N GLY C 132 -0.46 -1.43 -28.88
CA GLY C 132 0.09 -0.41 -28.01
C GLY C 132 0.29 -0.86 -26.57
N PHE C 133 -0.69 -1.60 -26.04
CA PHE C 133 -0.59 -2.17 -24.70
C PHE C 133 0.57 -3.16 -24.63
N THR C 134 0.61 -4.12 -25.55
CA THR C 134 1.58 -5.20 -25.46
C THR C 134 2.99 -4.65 -25.69
N LYS C 135 3.14 -3.66 -26.58
CA LYS C 135 4.47 -3.02 -26.76
C LYS C 135 4.99 -2.31 -25.48
N THR C 136 4.08 -1.71 -24.73
CA THR C 136 4.44 -1.04 -23.48
C THR C 136 4.84 -2.08 -22.41
N ILE C 137 4.04 -3.13 -22.30
CA ILE C 137 4.36 -4.22 -21.40
C ILE C 137 5.69 -4.87 -21.77
N ASP C 138 5.90 -5.10 -23.07
CA ASP C 138 7.15 -5.71 -23.56
C ASP C 138 8.38 -4.92 -23.16
N LEU C 139 8.36 -3.60 -23.40
CA LEU C 139 9.49 -2.74 -23.09
C LEU C 139 9.75 -2.57 -21.59
N TYR C 140 8.71 -2.24 -20.82
CA TYR C 140 8.89 -1.83 -19.43
C TYR C 140 8.85 -2.95 -18.43
N LEU C 141 8.01 -3.98 -18.66
CA LEU C 141 7.92 -5.11 -17.76
C LEU C 141 8.80 -6.28 -18.25
N ASN C 142 8.54 -6.79 -19.45
CA ASN C 142 9.31 -7.93 -19.96
C ASN C 142 10.80 -7.57 -20.09
N GLY C 143 11.08 -6.37 -20.61
CA GLY C 143 12.44 -5.86 -20.69
C GLY C 143 13.16 -5.77 -19.34
N THR C 144 12.46 -5.30 -18.31
CA THR C 144 13.01 -5.24 -16.97
C THR C 144 13.30 -6.66 -16.49
N TYR C 145 12.37 -7.58 -16.67
CA TYR C 145 12.63 -8.95 -16.23
C TYR C 145 13.79 -9.61 -16.99
N ASN C 146 13.86 -9.37 -18.29
CA ASN C 146 14.93 -9.95 -19.08
C ASN C 146 16.30 -9.48 -18.62
N VAL C 147 16.44 -8.16 -18.40
CA VAL C 147 17.69 -7.63 -17.86
C VAL C 147 17.96 -8.17 -16.46
N ALA C 148 16.95 -8.17 -15.60
CA ALA C 148 17.14 -8.63 -14.22
C ALA C 148 17.59 -10.08 -14.14
N ARG C 149 16.94 -10.95 -14.91
CA ARG C 149 17.26 -12.38 -14.79
C ARG C 149 18.71 -12.68 -15.27
N LEU C 150 19.13 -12.02 -16.34
CA LEU C 150 20.44 -12.27 -16.93
C LEU C 150 21.55 -11.66 -16.08
N VAL C 151 21.36 -10.40 -15.63
CA VAL C 151 22.31 -9.79 -14.74
C VAL C 151 22.39 -10.54 -13.40
N ALA C 152 21.24 -10.92 -12.83
CA ALA C 152 21.22 -11.68 -11.59
C ALA C 152 21.99 -12.99 -11.72
N ALA C 153 21.81 -13.69 -12.83
CA ALA C 153 22.53 -14.98 -13.02
C ALA C 153 24.07 -14.77 -13.08
N SER C 154 24.52 -13.64 -13.63
CA SER C 154 25.95 -13.31 -13.63
C SER C 154 26.45 -12.93 -12.21
N ILE C 155 25.69 -12.08 -11.52
CA ILE C 155 26.04 -11.64 -10.18
C ILE C 155 26.07 -12.82 -9.22
N ALA C 156 25.13 -13.76 -9.39
CA ALA C 156 25.06 -14.95 -8.53
C ALA C 156 26.33 -15.77 -8.54
N ALA C 157 27.11 -15.66 -9.60
CA ALA C 157 28.34 -16.45 -9.72
C ALA C 157 29.53 -15.73 -9.09
N ALA C 158 29.38 -14.47 -8.68
CA ALA C 158 30.48 -13.74 -8.03
C ALA C 158 30.71 -14.22 -6.60
N GLU C 159 31.91 -13.97 -6.09
CA GLU C 159 32.22 -14.27 -4.69
C GLU C 159 31.50 -13.25 -3.82
N PRO C 160 30.81 -13.72 -2.78
CA PRO C 160 30.26 -12.75 -1.86
C PRO C 160 31.32 -11.94 -1.14
N ARG C 161 30.94 -10.74 -0.74
CA ARG C 161 31.75 -9.97 0.19
C ARG C 161 31.60 -10.58 1.59
N GLU C 162 32.39 -10.11 2.54
CA GLU C 162 32.41 -10.68 3.90
C GLU C 162 31.03 -10.61 4.55
N ASN C 163 30.24 -9.59 4.20
CA ASN C 163 28.87 -9.47 4.74
C ASN C 163 27.83 -10.37 4.08
N GLY C 164 28.25 -11.25 3.16
CA GLY C 164 27.37 -12.18 2.45
C GLY C 164 26.74 -11.64 1.16
N GLU C 165 26.90 -10.35 0.87
CA GLU C 165 26.25 -9.77 -0.30
C GLU C 165 27.09 -9.93 -1.57
N ARG C 166 26.46 -10.39 -2.65
CA ARG C 166 27.16 -10.45 -3.94
C ARG C 166 26.94 -9.22 -4.79
N GLY C 167 25.76 -8.62 -4.68
CA GLY C 167 25.43 -7.42 -5.43
C GLY C 167 24.02 -6.93 -5.18
N ALA C 168 23.54 -6.08 -6.09
CA ALA C 168 22.23 -5.49 -5.94
C ALA C 168 21.72 -4.95 -7.25
N LEU C 169 20.41 -4.96 -7.39
CA LEU C 169 19.71 -4.44 -8.56
C LEU C 169 18.79 -3.32 -8.12
N VAL C 170 18.68 -2.31 -8.99
CA VAL C 170 17.68 -1.27 -8.89
C VAL C 170 16.82 -1.28 -10.17
N LEU C 171 15.53 -1.49 -9.98
CA LEU C 171 14.56 -1.44 -11.07
C LEU C 171 13.88 -0.08 -11.07
N THR C 172 13.33 0.35 -12.20
CA THR C 172 12.60 1.63 -12.27
C THR C 172 11.13 1.37 -12.62
N ALA C 173 10.26 1.85 -11.74
CA ALA C 173 8.84 1.76 -11.97
C ALA C 173 8.37 3.19 -12.30
N SER C 174 7.36 3.66 -11.57
CA SER C 174 6.77 4.99 -11.71
C SER C 174 5.64 5.01 -10.70
N ILE C 175 5.31 6.19 -10.20
CA ILE C 175 4.12 6.29 -9.35
C ILE C 175 2.80 6.08 -10.15
N ALA C 176 2.88 6.10 -11.49
CA ALA C 176 1.78 5.60 -12.33
C ALA C 176 1.36 4.15 -11.98
N GLY C 177 2.28 3.35 -11.44
CA GLY C 177 1.99 2.00 -10.96
C GLY C 177 1.10 1.94 -9.73
N TYR C 178 1.01 3.05 -9.00
CA TYR C 178 0.07 3.19 -7.88
C TYR C 178 -1.16 4.06 -8.20
N GLU C 179 -0.96 5.08 -9.03
CA GLU C 179 -1.97 6.13 -9.29
C GLU C 179 -2.05 6.39 -10.78
N GLY C 180 -2.27 5.35 -11.57
CA GLY C 180 -2.37 5.49 -13.03
C GLY C 180 -3.40 6.49 -13.51
N GLN C 181 -3.05 7.18 -14.58
CA GLN C 181 -3.82 8.32 -15.06
C GLN C 181 -4.64 7.96 -16.29
N ILE C 182 -5.60 8.83 -16.61
CA ILE C 182 -6.45 8.62 -17.78
C ILE C 182 -5.59 8.54 -19.04
N GLY C 183 -5.81 7.49 -19.82
CA GLY C 183 -5.07 7.30 -21.06
C GLY C 183 -3.76 6.57 -20.86
N GLN C 184 -3.45 6.21 -19.62
CA GLN C 184 -2.16 5.59 -19.34
C GLN C 184 -2.30 4.22 -18.66
N THR C 185 -3.36 3.48 -19.02
CA THR C 185 -3.55 2.14 -18.46
C THR C 185 -2.38 1.22 -18.78
N ALA C 186 -1.80 1.33 -19.98
CA ALA C 186 -0.70 0.41 -20.38
C ALA C 186 0.53 0.66 -19.53
N TYR C 187 0.90 1.93 -19.41
CA TYR C 187 2.06 2.29 -18.60
C TYR C 187 1.83 1.95 -17.11
N ALA C 188 0.64 2.29 -16.59
CA ALA C 188 0.26 1.93 -15.22
C ALA C 188 0.40 0.43 -14.95
N ALA C 189 -0.10 -0.40 -15.85
CA ALA C 189 -0.02 -1.86 -15.70
C ALA C 189 1.44 -2.35 -15.74
N ALA C 190 2.22 -1.82 -16.67
CA ALA C 190 3.62 -2.25 -16.80
C ALA C 190 4.41 -1.90 -15.55
N LYS C 191 4.24 -0.67 -15.08
CA LYS C 191 4.99 -0.17 -13.96
C LYS C 191 4.50 -0.78 -12.62
N ALA C 192 3.20 -1.05 -12.51
CA ALA C 192 2.70 -1.86 -11.38
C ALA C 192 3.31 -3.26 -11.36
N GLY C 193 3.47 -3.85 -12.55
CA GLY C 193 4.15 -5.15 -12.66
C GLY C 193 5.53 -5.10 -12.05
N VAL C 194 6.29 -4.04 -12.37
CA VAL C 194 7.65 -3.87 -11.84
C VAL C 194 7.60 -3.67 -10.31
N ILE C 195 6.67 -2.85 -9.84
CA ILE C 195 6.49 -2.66 -8.40
C ILE C 195 6.29 -4.03 -7.69
N GLY C 196 5.36 -4.83 -8.17
CA GLY C 196 5.07 -6.12 -7.53
C GLY C 196 6.19 -7.14 -7.68
N LEU C 197 6.92 -7.04 -8.78
CA LEU C 197 8.10 -7.86 -9.01
C LEU C 197 9.14 -7.68 -7.91
N THR C 198 9.23 -6.48 -7.34
CA THR C 198 10.31 -6.16 -6.42
C THR C 198 10.45 -7.11 -5.24
N ILE C 199 9.39 -7.26 -4.44
CA ILE C 199 9.47 -8.11 -3.25
C ILE C 199 9.68 -9.57 -3.69
N ALA C 200 9.06 -9.98 -4.79
CA ALA C 200 9.17 -11.37 -5.24
C ALA C 200 10.60 -11.70 -5.64
N ALA C 201 11.21 -10.79 -6.38
CA ALA C 201 12.61 -10.95 -6.85
C ALA C 201 13.59 -10.91 -5.67
N ALA C 202 13.35 -10.02 -4.71
CA ALA C 202 14.20 -9.93 -3.52
C ALA C 202 14.14 -11.27 -2.77
N ARG C 203 12.95 -11.83 -2.66
CA ARG C 203 12.81 -13.10 -1.96
C ARG C 203 13.52 -14.21 -2.71
N ASP C 204 13.33 -14.25 -4.03
CA ASP C 204 13.98 -15.22 -4.92
C ASP C 204 15.48 -15.17 -4.85
N LEU C 205 16.02 -13.96 -4.91
CA LEU C 205 17.45 -13.76 -4.95
C LEU C 205 18.15 -13.70 -3.58
N SER C 206 17.36 -13.76 -2.50
CA SER C 206 17.92 -13.70 -1.17
C SER C 206 18.95 -14.82 -0.91
N SER C 207 18.75 -16.03 -1.45
CA SER C 207 19.75 -17.10 -1.26
C SER C 207 21.09 -16.79 -1.91
N ALA C 208 21.12 -15.87 -2.89
CA ALA C 208 22.36 -15.49 -3.57
C ALA C 208 22.96 -14.22 -2.97
N GLY C 209 22.30 -13.63 -1.98
CA GLY C 209 22.76 -12.35 -1.42
C GLY C 209 22.79 -11.23 -2.45
N ILE C 210 21.74 -11.16 -3.24
CA ILE C 210 21.53 -10.06 -4.18
C ILE C 210 20.26 -9.31 -3.76
N ARG C 211 20.42 -8.05 -3.37
CA ARG C 211 19.30 -7.22 -2.99
C ARG C 211 18.63 -6.68 -4.24
N VAL C 212 17.30 -6.53 -4.18
CA VAL C 212 16.49 -5.95 -5.26
C VAL C 212 15.57 -4.88 -4.68
N ASN C 213 15.68 -3.66 -5.19
CA ASN C 213 14.82 -2.53 -4.83
C ASN C 213 14.45 -1.76 -6.07
N THR C 214 13.46 -0.91 -5.95
CA THR C 214 12.86 -0.22 -7.07
C THR C 214 12.68 1.26 -6.73
N ILE C 215 12.96 2.14 -7.69
CA ILE C 215 12.59 3.56 -7.60
C ILE C 215 11.35 3.79 -8.46
N ALA C 216 10.34 4.42 -7.87
CA ALA C 216 9.11 4.82 -8.54
C ALA C 216 9.15 6.33 -8.67
N PRO C 217 9.66 6.84 -9.79
CA PRO C 217 9.67 8.29 -9.89
C PRO C 217 8.30 8.93 -10.15
N GLY C 218 8.20 10.21 -9.82
CA GLY C 218 7.06 11.01 -10.20
C GLY C 218 7.40 11.66 -11.53
N THR C 219 7.23 12.96 -11.64
CA THR C 219 7.48 13.67 -12.90
C THR C 219 8.90 14.22 -12.90
N MET C 220 9.74 13.67 -13.78
CA MET C 220 11.18 13.93 -13.81
C MET C 220 11.53 14.73 -15.05
N LYS C 221 12.58 15.55 -14.95
CA LYS C 221 13.03 16.36 -16.08
C LYS C 221 13.89 15.48 -16.98
N THR C 222 13.21 14.68 -17.78
CA THR C 222 13.82 13.78 -18.78
C THR C 222 14.08 14.59 -20.05
N PRO C 223 14.77 14.01 -21.05
CA PRO C 223 15.13 14.82 -22.21
C PRO C 223 13.94 15.47 -22.91
N ILE C 224 12.84 14.75 -23.08
CA ILE C 224 11.63 15.33 -23.69
C ILE C 224 11.15 16.62 -22.96
N MET C 225 11.32 16.66 -21.64
CA MET C 225 10.97 17.84 -20.83
C MET C 225 11.98 19.00 -20.89
N GLU C 226 13.21 18.73 -21.32
CA GLU C 226 14.27 19.77 -21.36
C GLU C 226 14.36 20.43 -22.74
N GLU C 230 9.66 27.22 -20.65
CA GLU C 230 9.42 26.95 -19.25
C GLU C 230 7.98 27.32 -18.84
N GLU C 231 7.03 27.07 -19.73
CA GLU C 231 5.61 27.41 -19.51
C GLU C 231 4.78 26.19 -19.08
N ALA C 232 4.77 25.15 -19.91
CA ALA C 232 4.04 23.89 -19.60
C ALA C 232 4.70 23.10 -18.46
N LEU C 233 5.92 23.48 -18.08
CA LEU C 233 6.56 22.97 -16.87
C LEU C 233 5.81 23.38 -15.60
N ALA C 234 5.12 24.52 -15.63
CA ALA C 234 4.32 24.98 -14.49
C ALA C 234 3.05 24.16 -14.32
N LYS C 235 2.55 23.55 -15.40
CA LYS C 235 1.33 22.75 -15.33
C LYS C 235 1.56 21.47 -14.52
N PHE C 236 2.66 20.78 -14.81
CA PHE C 236 3.08 19.63 -13.99
C PHE C 236 3.43 20.09 -12.59
N ALA C 237 4.35 21.03 -12.51
CA ALA C 237 4.80 21.56 -11.23
C ALA C 237 3.65 21.86 -10.27
N ALA C 238 2.49 22.25 -10.81
CA ALA C 238 1.34 22.67 -9.99
C ALA C 238 0.79 21.61 -9.05
N ASN C 239 0.83 20.35 -9.46
CA ASN C 239 0.37 19.25 -8.61
C ASN C 239 1.48 18.70 -7.68
N ILE C 240 2.66 19.32 -7.65
CA ILE C 240 3.81 18.75 -6.91
C ILE C 240 4.06 19.58 -5.64
N PRO C 241 3.80 19.01 -4.45
CA PRO C 241 3.88 19.82 -3.22
C PRO C 241 5.24 20.49 -2.99
N PHE C 242 6.32 19.72 -2.94
CA PHE C 242 7.65 20.30 -2.72
C PHE C 242 8.75 19.26 -2.95
N PRO C 243 9.80 19.62 -3.72
CA PRO C 243 9.97 20.89 -4.42
C PRO C 243 8.96 21.03 -5.55
N LYS C 244 8.55 22.26 -5.84
CA LYS C 244 7.51 22.52 -6.83
C LYS C 244 8.13 22.59 -8.24
N ARG C 245 8.58 21.45 -8.72
CA ARG C 245 9.32 21.35 -9.97
C ARG C 245 9.46 19.87 -10.28
N LEU C 246 9.91 19.59 -11.49
CA LEU C 246 10.24 18.23 -11.91
C LEU C 246 11.48 17.78 -11.16
N GLY C 247 11.58 16.48 -10.90
CA GLY C 247 12.74 15.91 -10.22
C GLY C 247 13.90 15.87 -11.19
N THR C 248 15.12 16.04 -10.70
CA THR C 248 16.25 16.05 -11.61
C THR C 248 16.80 14.63 -11.80
N PRO C 249 17.43 14.39 -12.95
CA PRO C 249 18.16 13.12 -13.14
C PRO C 249 19.15 12.82 -12.02
N ASP C 250 19.88 13.84 -11.55
CA ASP C 250 20.86 13.64 -10.46
C ASP C 250 20.18 13.17 -9.17
N GLU C 251 18.95 13.63 -8.91
CA GLU C 251 18.19 13.17 -7.73
C GLU C 251 17.84 11.68 -7.85
N PHE C 252 17.46 11.26 -9.05
CA PHE C 252 17.24 9.86 -9.35
C PHE C 252 18.50 9.06 -9.13
N ALA C 253 19.62 9.56 -9.66
CA ALA C 253 20.90 8.85 -9.55
C ALA C 253 21.34 8.71 -8.11
N ASP C 254 21.09 9.74 -7.31
CA ASP C 254 21.40 9.71 -5.88
C ASP C 254 20.59 8.61 -5.18
N ALA C 255 19.32 8.51 -5.51
CA ALA C 255 18.46 7.44 -4.98
C ALA C 255 18.95 6.05 -5.39
N ALA C 256 19.36 5.90 -6.65
CA ALA C 256 19.80 4.61 -7.12
C ALA C 256 21.09 4.18 -6.40
N ALA C 257 22.00 5.14 -6.23
CA ALA C 257 23.27 4.88 -5.55
C ALA C 257 23.03 4.45 -4.10
N PHE C 258 22.07 5.08 -3.44
CA PHE C 258 21.69 4.73 -2.06
C PHE C 258 21.16 3.30 -1.99
N LEU C 259 20.28 2.92 -2.92
CA LEU C 259 19.75 1.55 -2.95
C LEU C 259 20.83 0.50 -3.24
N LEU C 260 21.87 0.87 -3.99
CA LEU C 260 23.00 -0.02 -4.23
C LEU C 260 23.91 -0.18 -3.03
N THR C 261 24.01 0.86 -2.18
CA THR C 261 25.02 0.89 -1.12
C THR C 261 24.49 0.59 0.31
N ASN C 262 23.23 0.91 0.61
CA ASN C 262 22.70 0.64 1.95
C ASN C 262 22.47 -0.85 2.09
N GLY C 263 23.06 -1.46 3.11
CA GLY C 263 23.07 -2.92 3.23
C GLY C 263 21.80 -3.58 3.74
N TYR C 264 20.86 -2.82 4.29
CA TYR C 264 19.63 -3.42 4.80
C TYR C 264 18.36 -3.16 3.98
N ILE C 265 18.41 -2.25 3.01
CA ILE C 265 17.23 -1.96 2.22
C ILE C 265 17.08 -3.06 1.14
N ASN C 266 15.94 -3.73 1.14
CA ASN C 266 15.69 -4.87 0.25
C ASN C 266 14.20 -5.11 0.07
N GLY C 267 13.81 -5.43 -1.16
CA GLY C 267 12.44 -5.69 -1.51
C GLY C 267 11.54 -4.48 -1.38
N GLU C 268 12.12 -3.28 -1.49
CA GLU C 268 11.41 -2.03 -1.25
C GLU C 268 11.26 -1.18 -2.50
N VAL C 269 10.13 -0.47 -2.57
CA VAL C 269 9.85 0.49 -3.61
C VAL C 269 9.93 1.89 -3.01
N MET C 270 10.81 2.71 -3.56
CA MET C 270 11.01 4.08 -3.07
C MET C 270 10.34 5.08 -4.01
N ARG C 271 9.29 5.74 -3.54
CA ARG C 271 8.67 6.83 -4.32
C ARG C 271 9.61 8.03 -4.31
N LEU C 272 9.88 8.61 -5.48
CA LEU C 272 10.78 9.75 -5.61
C LEU C 272 10.04 10.79 -6.43
N ASP C 273 9.24 11.61 -5.75
CA ASP C 273 8.19 12.33 -6.44
C ASP C 273 7.79 13.69 -5.88
N GLY C 274 8.58 14.25 -4.96
CA GLY C 274 8.26 15.57 -4.39
C GLY C 274 6.91 15.60 -3.70
N ALA C 275 6.48 14.43 -3.23
CA ALA C 275 5.18 14.20 -2.59
C ALA C 275 3.99 14.29 -3.53
N GLN C 276 4.23 14.27 -4.83
CA GLN C 276 3.13 14.24 -5.79
C GLN C 276 2.32 12.95 -5.65
N ARG C 277 1.00 13.12 -5.80
CA ARG C 277 0.12 11.99 -6.05
C ARG C 277 -0.60 12.30 -7.37
N PHE C 278 -0.46 11.44 -8.38
CA PHE C 278 -1.07 11.70 -9.70
C PHE C 278 -2.58 11.85 -9.61
N THR C 279 -3.11 12.93 -10.18
CA THR C 279 -4.55 13.09 -10.42
C THR C 279 -4.96 12.36 -11.72
N PRO C 280 -6.28 12.17 -11.94
CA PRO C 280 -6.71 11.48 -13.17
C PRO C 280 -6.14 12.05 -14.47
N LYS C 281 -6.14 13.38 -14.59
CA LYS C 281 -5.65 14.05 -15.80
C LYS C 281 -4.36 14.83 -15.47
N THR D 24 -34.84 -13.93 7.78
CA THR D 24 -33.57 -13.36 8.32
C THR D 24 -32.40 -14.24 7.87
N ILE D 25 -31.35 -13.62 7.34
CA ILE D 25 -30.18 -14.40 6.92
C ILE D 25 -29.61 -15.13 8.14
N LYS D 26 -29.18 -16.37 7.94
CA LYS D 26 -28.79 -17.25 9.03
C LYS D 26 -27.64 -16.70 9.89
N GLN D 27 -26.71 -15.96 9.29
CA GLN D 27 -25.63 -15.32 10.07
C GLN D 27 -26.22 -14.50 11.23
N PHE D 28 -27.40 -13.92 11.02
CA PHE D 28 -27.96 -12.91 11.93
C PHE D 28 -29.04 -13.42 12.88
N GLU D 29 -29.46 -14.67 12.71
CA GLU D 29 -30.50 -15.26 13.55
C GLU D 29 -30.09 -15.23 15.02
N GLY D 30 -30.96 -14.66 15.86
CA GLY D 30 -30.71 -14.53 17.30
C GLY D 30 -29.59 -13.57 17.71
N ALA D 31 -29.04 -12.80 16.77
CA ALA D 31 -27.85 -12.00 17.02
C ALA D 31 -28.18 -10.51 17.19
N SER D 32 -27.27 -9.79 17.81
CA SER D 32 -27.39 -8.36 17.94
C SER D 32 -26.10 -7.66 17.55
N ALA D 33 -26.18 -6.34 17.41
CA ALA D 33 -25.11 -5.50 16.90
C ALA D 33 -25.13 -4.14 17.58
N ILE D 34 -23.96 -3.52 17.66
CA ILE D 34 -23.82 -2.15 18.15
C ILE D 34 -23.28 -1.30 17.01
N VAL D 35 -23.86 -0.13 16.80
CA VAL D 35 -23.33 0.81 15.81
C VAL D 35 -23.02 2.09 16.52
N SER D 36 -21.73 2.40 16.66
CA SER D 36 -21.33 3.70 17.20
C SER D 36 -21.56 4.77 16.14
N GLY D 37 -22.00 5.95 16.57
CA GLY D 37 -22.43 6.99 15.64
C GLY D 37 -23.75 6.62 14.97
N GLY D 38 -24.50 5.71 15.57
CA GLY D 38 -25.70 5.20 14.96
C GLY D 38 -26.89 6.12 14.83
N ALA D 39 -26.86 7.28 15.49
CA ALA D 39 -28.04 8.15 15.49
C ALA D 39 -28.27 8.85 14.16
N GLY D 40 -27.20 9.07 13.39
CA GLY D 40 -27.30 9.82 12.13
C GLY D 40 -26.27 9.41 11.10
N GLY D 41 -26.42 9.93 9.89
CA GLY D 41 -25.38 9.77 8.88
C GLY D 41 -25.12 8.32 8.50
N LEU D 42 -23.84 7.99 8.35
CA LEU D 42 -23.41 6.64 7.97
C LEU D 42 -23.90 5.62 8.97
N GLY D 43 -23.74 5.93 10.26
CA GLY D 43 -24.19 5.04 11.32
C GLY D 43 -25.70 4.76 11.27
N GLU D 44 -26.50 5.80 11.07
CA GLU D 44 -27.94 5.60 10.97
C GLU D 44 -28.33 4.69 9.81
N ALA D 45 -27.69 4.85 8.65
CA ALA D 45 -27.99 3.99 7.50
C ALA D 45 -27.63 2.54 7.80
N THR D 46 -26.54 2.36 8.54
CA THR D 46 -26.08 1.07 8.99
C THR D 46 -27.04 0.41 9.97
N VAL D 47 -27.47 1.14 11.01
CA VAL D 47 -28.52 0.68 11.89
C VAL D 47 -29.77 0.21 11.12
N ARG D 48 -30.24 1.04 10.19
CA ARG D 48 -31.45 0.71 9.42
C ARG D 48 -31.26 -0.56 8.61
N ARG D 49 -30.09 -0.73 8.02
CA ARG D 49 -29.82 -1.89 7.17
C ARG D 49 -29.75 -3.16 8.00
N LEU D 50 -29.00 -3.09 9.10
CA LEU D 50 -28.79 -4.27 9.94
C LEU D 50 -30.09 -4.67 10.61
N HIS D 51 -30.88 -3.69 11.02
CA HIS D 51 -32.18 -3.96 11.59
C HIS D 51 -33.10 -4.62 10.55
N ALA D 52 -33.14 -4.06 9.35
CA ALA D 52 -33.97 -4.64 8.29
C ALA D 52 -33.52 -6.06 7.96
N ASP D 53 -32.20 -6.33 8.08
CA ASP D 53 -31.65 -7.66 7.82
C ASP D 53 -31.86 -8.65 8.97
N GLY D 54 -32.46 -8.20 10.08
CA GLY D 54 -32.92 -9.11 11.12
C GLY D 54 -32.11 -9.09 12.41
N LEU D 55 -31.18 -8.17 12.54
CA LEU D 55 -30.41 -8.05 13.78
C LEU D 55 -31.13 -7.16 14.77
N GLY D 56 -31.00 -7.49 16.06
CA GLY D 56 -31.23 -6.50 17.13
C GLY D 56 -30.09 -5.48 17.09
N VAL D 57 -30.41 -4.19 17.19
CA VAL D 57 -29.38 -3.16 17.04
C VAL D 57 -29.43 -2.15 18.16
N VAL D 58 -28.26 -1.87 18.73
CA VAL D 58 -28.06 -0.75 19.64
C VAL D 58 -27.45 0.42 18.89
N ILE D 59 -28.16 1.55 18.93
CA ILE D 59 -27.71 2.83 18.44
C ILE D 59 -26.86 3.43 19.56
N ALA D 60 -25.54 3.45 19.39
CA ALA D 60 -24.64 3.93 20.44
C ALA D 60 -24.12 5.29 20.02
N ASP D 61 -24.61 6.34 20.68
CA ASP D 61 -24.37 7.71 20.20
C ASP D 61 -24.61 8.68 21.34
N LEU D 62 -24.05 9.88 21.23
CA LEU D 62 -24.29 10.92 22.24
C LEU D 62 -25.43 11.87 21.86
N ALA D 63 -25.89 11.78 20.63
CA ALA D 63 -26.98 12.61 20.17
C ALA D 63 -28.29 11.93 20.61
N ALA D 64 -28.79 12.31 21.78
CA ALA D 64 -29.83 11.53 22.46
C ALA D 64 -31.21 11.60 21.81
N GLU D 65 -31.66 12.79 21.47
CA GLU D 65 -32.99 12.89 20.88
C GLU D 65 -33.03 12.20 19.53
N LYS D 66 -32.01 12.44 18.71
CA LYS D 66 -31.95 11.82 17.38
C LYS D 66 -31.88 10.29 17.51
N GLY D 67 -31.03 9.81 18.41
CA GLY D 67 -30.88 8.38 18.61
C GLY D 67 -32.12 7.69 19.15
N LYS D 68 -32.73 8.30 20.15
CA LYS D 68 -33.96 7.79 20.73
C LYS D 68 -35.10 7.79 19.68
N ALA D 69 -35.21 8.87 18.90
CA ALA D 69 -36.24 8.93 17.84
C ALA D 69 -36.04 7.82 16.84
N LEU D 70 -34.79 7.51 16.51
CA LEU D 70 -34.50 6.42 15.57
C LEU D 70 -34.91 5.08 16.16
N ALA D 71 -34.54 4.84 17.41
CA ALA D 71 -34.93 3.60 18.11
C ALA D 71 -36.45 3.49 18.22
N ASP D 72 -37.12 4.61 18.54
CA ASP D 72 -38.56 4.64 18.62
C ASP D 72 -39.23 4.32 17.25
N GLU D 73 -38.69 4.87 16.19
CA GLU D 73 -39.22 4.62 14.84
C GLU D 73 -39.10 3.13 14.46
N LEU D 74 -37.94 2.55 14.72
CA LEU D 74 -37.67 1.19 14.28
C LEU D 74 -38.35 0.13 15.14
N GLY D 75 -38.64 0.45 16.40
CA GLY D 75 -39.42 -0.44 17.27
C GLY D 75 -38.57 -1.27 18.21
N ASN D 76 -39.11 -2.40 18.67
CA ASN D 76 -38.50 -3.07 19.85
C ASN D 76 -37.28 -3.95 19.60
N ARG D 77 -36.85 -4.09 18.35
CA ARG D 77 -35.54 -4.66 18.06
C ARG D 77 -34.44 -3.59 17.90
N ALA D 78 -34.76 -2.34 18.24
CA ALA D 78 -33.77 -1.28 18.18
C ALA D 78 -33.79 -0.45 19.48
N GLU D 79 -32.63 -0.33 20.11
CA GLU D 79 -32.51 0.45 21.35
C GLU D 79 -31.46 1.55 21.21
N PHE D 80 -31.75 2.69 21.81
CA PHE D 80 -30.77 3.77 21.92
C PHE D 80 -30.09 3.71 23.30
N VAL D 81 -28.77 3.80 23.30
CA VAL D 81 -27.97 3.92 24.52
C VAL D 81 -27.00 5.07 24.33
N SER D 82 -27.11 6.12 25.16
CA SER D 82 -26.16 7.21 25.13
C SER D 82 -24.75 6.71 25.45
N THR D 83 -23.84 6.79 24.47
CA THR D 83 -22.56 6.15 24.56
C THR D 83 -21.43 7.09 24.17
N ASN D 84 -20.52 7.29 25.10
CA ASN D 84 -19.25 7.97 24.85
C ASN D 84 -18.22 6.87 24.58
N VAL D 85 -17.76 6.80 23.35
CA VAL D 85 -16.90 5.71 22.89
C VAL D 85 -15.56 5.63 23.62
N THR D 86 -15.14 6.68 24.30
CA THR D 86 -13.89 6.62 25.05
C THR D 86 -14.05 6.20 26.51
N SER D 87 -15.28 6.03 26.98
CA SER D 87 -15.53 5.59 28.35
C SER D 87 -15.84 4.08 28.39
N GLU D 88 -15.07 3.35 29.17
CA GLU D 88 -15.32 1.93 29.39
C GLU D 88 -16.73 1.67 29.93
N ASP D 89 -17.15 2.38 30.98
CA ASP D 89 -18.45 2.08 31.57
C ASP D 89 -19.59 2.35 30.60
N SER D 90 -19.44 3.39 29.80
CA SER D 90 -20.45 3.77 28.83
C SER D 90 -20.62 2.71 27.73
N VAL D 91 -19.51 2.22 27.20
CA VAL D 91 -19.55 1.17 26.19
C VAL D 91 -20.08 -0.14 26.78
N LEU D 92 -19.68 -0.45 28.02
CA LEU D 92 -20.16 -1.66 28.67
C LEU D 92 -21.70 -1.66 28.83
N ALA D 93 -22.29 -0.50 29.09
CA ALA D 93 -23.76 -0.39 29.16
C ALA D 93 -24.44 -0.60 27.80
N ALA D 94 -23.79 -0.14 26.72
CA ALA D 94 -24.29 -0.44 25.36
C ALA D 94 -24.25 -1.93 25.09
N ILE D 95 -23.18 -2.59 25.54
CA ILE D 95 -23.04 -4.04 25.35
C ILE D 95 -24.12 -4.82 26.13
N GLU D 96 -24.41 -4.37 27.36
CA GLU D 96 -25.46 -4.99 28.16
CA GLU D 96 -25.46 -4.99 28.15
C GLU D 96 -26.80 -4.86 27.45
N ALA D 97 -27.10 -3.67 26.96
CA ALA D 97 -28.34 -3.47 26.20
C ALA D 97 -28.39 -4.40 24.97
N ALA D 98 -27.27 -4.51 24.24
CA ALA D 98 -27.25 -5.33 23.04
C ALA D 98 -27.56 -6.79 23.38
N ASN D 99 -27.02 -7.26 24.49
CA ASN D 99 -27.22 -8.66 24.85
C ASN D 99 -28.63 -8.97 25.37
N GLN D 100 -29.46 -7.96 25.57
CA GLN D 100 -30.89 -8.17 25.80
C GLN D 100 -31.72 -8.29 24.52
N LEU D 101 -31.13 -7.92 23.40
CA LEU D 101 -31.82 -7.97 22.11
C LEU D 101 -31.47 -9.23 21.35
N GLY D 102 -30.50 -10.01 21.84
CA GLY D 102 -30.03 -11.22 21.18
C GLY D 102 -28.61 -11.43 21.64
N ARG D 103 -27.86 -12.32 20.99
CA ARG D 103 -26.45 -12.48 21.34
C ARG D 103 -25.59 -11.47 20.53
N LEU D 104 -24.87 -10.61 21.23
CA LEU D 104 -24.00 -9.64 20.58
C LEU D 104 -22.94 -10.36 19.76
N ARG D 105 -22.95 -10.16 18.45
CA ARG D 105 -21.94 -10.74 17.58
C ARG D 105 -21.27 -9.76 16.61
N TYR D 106 -21.79 -8.54 16.52
CA TYR D 106 -21.32 -7.59 15.52
C TYR D 106 -21.24 -6.19 16.06
N ALA D 107 -20.30 -5.43 15.53
CA ALA D 107 -20.30 -4.00 15.75
C ALA D 107 -19.77 -3.30 14.52
N VAL D 108 -20.33 -2.13 14.27
CA VAL D 108 -19.82 -1.22 13.26
C VAL D 108 -19.48 0.08 13.96
N VAL D 109 -18.21 0.47 13.87
CA VAL D 109 -17.71 1.64 14.57
C VAL D 109 -17.71 2.79 13.57
N ALA D 110 -18.80 3.57 13.60
CA ALA D 110 -19.11 4.52 12.52
C ALA D 110 -19.28 5.95 13.00
N HIS D 111 -18.82 6.26 14.21
CA HIS D 111 -18.92 7.60 14.73
C HIS D 111 -18.08 8.55 13.89
N GLY D 112 -18.75 9.63 13.46
CA GLY D 112 -18.26 10.53 12.40
C GLY D 112 -17.82 11.90 12.89
N GLY D 113 -17.84 12.85 11.96
CA GLY D 113 -17.38 14.21 12.22
C GLY D 113 -16.00 14.40 11.62
N PHE D 114 -15.47 15.61 11.84
CA PHE D 114 -14.16 16.00 11.32
C PHE D 114 -13.15 16.13 12.49
N GLY D 115 -11.86 16.12 12.17
CA GLY D 115 -10.82 16.47 13.13
C GLY D 115 -10.69 18.00 13.30
N VAL D 116 -9.68 18.42 14.04
CA VAL D 116 -9.37 19.86 14.18
C VAL D 116 -8.76 20.34 12.86
N ALA D 117 -9.32 21.42 12.30
CA ALA D 117 -8.79 22.01 11.05
C ALA D 117 -7.66 23.00 11.35
N GLN D 118 -6.41 22.54 11.23
CA GLN D 118 -5.26 23.40 11.58
CA GLN D 118 -5.27 23.39 11.57
C GLN D 118 -4.00 22.87 10.91
N ARG D 119 -3.18 23.78 10.40
CA ARG D 119 -1.91 23.44 9.80
C ARG D 119 -0.89 23.13 10.89
N ILE D 120 0.09 22.27 10.57
CA ILE D 120 1.19 21.96 11.50
CA ILE D 120 1.12 21.95 11.54
C ILE D 120 1.91 23.22 11.91
N VAL D 121 2.18 24.08 10.92
CA VAL D 121 2.68 25.41 11.17
C VAL D 121 1.65 26.37 10.57
N GLN D 122 1.08 27.21 11.42
CA GLN D 122 -0.04 28.03 11.05
C GLN D 122 0.43 29.30 10.37
N ARG D 123 -0.52 30.03 9.81
CA ARG D 123 -0.25 31.25 9.05
C ARG D 123 0.67 32.20 9.80
N ASP D 124 0.40 32.41 11.08
CA ASP D 124 1.18 33.34 11.90
C ASP D 124 2.52 32.79 12.41
N GLY D 125 2.92 31.60 11.95
CA GLY D 125 4.17 30.95 12.38
C GLY D 125 4.07 30.04 13.60
N SER D 126 2.93 30.00 14.27
CA SER D 126 2.79 29.18 15.47
C SER D 126 2.48 27.72 15.13
N PRO D 127 2.89 26.79 15.99
CA PRO D 127 2.59 25.38 15.70
C PRO D 127 1.11 25.05 15.90
N ALA D 128 0.64 23.97 15.29
CA ALA D 128 -0.68 23.40 15.59
C ALA D 128 -0.85 23.22 17.09
N ASP D 129 -2.07 23.43 17.54
CA ASP D 129 -2.46 23.24 18.93
CA ASP D 129 -2.40 23.25 18.94
C ASP D 129 -2.46 21.74 19.22
N MET D 130 -1.69 21.32 20.21
CA MET D 130 -1.56 19.89 20.52
C MET D 130 -2.88 19.29 21.01
N GLY D 131 -3.64 20.09 21.75
CA GLY D 131 -4.94 19.68 22.29
C GLY D 131 -5.88 19.25 21.19
N GLY D 132 -5.84 19.98 20.08
CA GLY D 132 -6.66 19.66 18.90
C GLY D 132 -6.30 18.32 18.28
N PHE D 133 -5.00 18.08 18.14
CA PHE D 133 -4.52 16.82 17.65
C PHE D 133 -4.95 15.69 18.59
N THR D 134 -4.67 15.84 19.88
CA THR D 134 -4.94 14.73 20.82
C THR D 134 -6.45 14.43 20.95
N LYS D 135 -7.30 15.45 20.86
CA LYS D 135 -8.75 15.27 20.87
C LYS D 135 -9.21 14.42 19.67
N THR D 136 -8.62 14.67 18.51
CA THR D 136 -8.92 13.95 17.29
C THR D 136 -8.49 12.49 17.40
N ILE D 137 -7.27 12.28 17.91
CA ILE D 137 -6.76 10.93 18.13
C ILE D 137 -7.63 10.20 19.14
N ASP D 138 -7.99 10.89 20.23
CA ASP D 138 -8.83 10.27 21.28
C ASP D 138 -10.15 9.78 20.74
N LEU D 139 -10.81 10.62 19.95
CA LEU D 139 -12.15 10.26 19.44
C LEU D 139 -12.10 9.16 18.39
N TYR D 140 -11.24 9.32 17.38
CA TYR D 140 -11.26 8.41 16.23
C TYR D 140 -10.41 7.14 16.36
N LEU D 141 -9.27 7.24 17.03
CA LEU D 141 -8.37 6.09 17.19
C LEU D 141 -8.59 5.43 18.55
N ASN D 142 -8.41 6.16 19.64
CA ASN D 142 -8.62 5.55 20.99
C ASN D 142 -10.06 5.07 21.17
N GLY D 143 -11.01 5.91 20.76
CA GLY D 143 -12.43 5.54 20.78
C GLY D 143 -12.74 4.26 20.00
N THR D 144 -12.15 4.10 18.83
CA THR D 144 -12.32 2.88 18.04
C THR D 144 -11.77 1.66 18.79
N TYR D 145 -10.57 1.79 19.33
CA TYR D 145 -9.96 0.69 20.07
C TYR D 145 -10.77 0.32 21.32
N ASN D 146 -11.28 1.32 22.02
CA ASN D 146 -12.06 1.09 23.23
C ASN D 146 -13.34 0.31 22.92
N VAL D 147 -14.06 0.72 21.89
CA VAL D 147 -15.24 -0.04 21.45
C VAL D 147 -14.88 -1.44 21.03
N ALA D 148 -13.83 -1.55 20.20
CA ALA D 148 -13.41 -2.85 19.67
C ALA D 148 -13.00 -3.81 20.76
N ARG D 149 -12.23 -3.35 21.74
CA ARG D 149 -11.70 -4.30 22.73
C ARG D 149 -12.87 -4.83 23.58
N LEU D 150 -13.81 -3.95 23.93
CA LEU D 150 -14.91 -4.34 24.82
C LEU D 150 -15.94 -5.19 24.11
N VAL D 151 -16.29 -4.81 22.88
CA VAL D 151 -17.21 -5.62 22.09
C VAL D 151 -16.58 -6.97 21.76
N ALA D 152 -15.31 -6.96 21.35
CA ALA D 152 -14.61 -8.22 21.09
C ALA D 152 -14.58 -9.15 22.30
N ALA D 153 -14.32 -8.61 23.50
CA ALA D 153 -14.36 -9.46 24.70
C ALA D 153 -15.74 -10.14 24.88
N SER D 154 -16.80 -9.40 24.59
CA SER D 154 -18.15 -9.96 24.72
C SER D 154 -18.39 -11.04 23.66
N ILE D 155 -18.08 -10.72 22.40
CA ILE D 155 -18.25 -11.65 21.29
C ILE D 155 -17.43 -12.92 21.47
N ALA D 156 -16.21 -12.80 22.01
CA ALA D 156 -15.35 -13.96 22.23
C ALA D 156 -15.97 -15.00 23.17
N ALA D 157 -16.87 -14.58 24.05
CA ALA D 157 -17.53 -15.50 24.98
C ALA D 157 -18.79 -16.14 24.38
N ALA D 158 -19.19 -15.72 23.17
CA ALA D 158 -20.32 -16.33 22.48
C ALA D 158 -19.94 -17.70 21.92
N GLU D 159 -20.95 -18.53 21.68
CA GLU D 159 -20.73 -19.82 21.02
C GLU D 159 -20.45 -19.59 19.54
N PRO D 160 -19.42 -20.26 18.99
CA PRO D 160 -19.19 -20.14 17.56
C PRO D 160 -20.28 -20.82 16.74
N ARG D 161 -20.57 -20.28 15.57
CA ARG D 161 -21.37 -20.97 14.57
C ARG D 161 -20.65 -22.21 14.04
N GLU D 162 -21.34 -23.00 13.22
CA GLU D 162 -20.74 -24.23 12.70
C GLU D 162 -19.45 -23.95 11.95
N ASN D 163 -19.39 -22.81 11.26
CA ASN D 163 -18.20 -22.47 10.48
C ASN D 163 -17.02 -21.95 11.32
N GLY D 164 -17.18 -21.94 12.64
CA GLY D 164 -16.12 -21.50 13.56
C GLY D 164 -16.15 -20.01 13.92
N GLU D 165 -17.05 -19.25 13.30
CA GLU D 165 -17.07 -17.79 13.47
C GLU D 165 -17.98 -17.38 14.62
N ARG D 166 -17.45 -16.58 15.54
CA ARG D 166 -18.26 -16.03 16.62
C ARG D 166 -18.91 -14.71 16.24
N GLY D 167 -18.21 -13.92 15.44
CA GLY D 167 -18.71 -12.63 15.06
C GLY D 167 -17.78 -11.84 14.18
N ALA D 168 -18.04 -10.53 14.06
CA ALA D 168 -17.26 -9.69 13.19
C ALA D 168 -17.42 -8.21 13.53
N LEU D 169 -16.32 -7.48 13.32
CA LEU D 169 -16.26 -6.06 13.53
C LEU D 169 -15.97 -5.36 12.22
N VAL D 170 -16.58 -4.18 12.07
CA VAL D 170 -16.27 -3.27 11.01
C VAL D 170 -15.88 -1.92 11.63
N LEU D 171 -14.66 -1.49 11.30
CA LEU D 171 -14.15 -0.22 11.74
C LEU D 171 -14.31 0.77 10.59
N THR D 172 -14.33 2.06 10.92
CA THR D 172 -14.40 3.09 9.91
C THR D 172 -13.17 3.96 9.97
N ALA D 173 -12.45 4.02 8.86
CA ALA D 173 -11.31 4.88 8.73
C ALA D 173 -11.69 6.04 7.81
N SER D 174 -10.92 6.25 6.76
CA SER D 174 -11.13 7.31 5.77
C SER D 174 -9.96 7.19 4.81
N ILE D 175 -10.16 7.58 3.56
CA ILE D 175 -9.03 7.60 2.64
C ILE D 175 -8.03 8.71 3.01
N ALA D 176 -8.43 9.62 3.91
CA ALA D 176 -7.47 10.57 4.52
C ALA D 176 -6.31 9.84 5.21
N GLY D 177 -6.55 8.58 5.63
CA GLY D 177 -5.49 7.75 6.24
C GLY D 177 -4.40 7.33 5.26
N TYR D 178 -4.73 7.35 3.97
CA TYR D 178 -3.76 7.12 2.87
C TYR D 178 -3.25 8.39 2.19
N GLU D 179 -4.13 9.40 2.07
CA GLU D 179 -3.90 10.61 1.26
C GLU D 179 -4.31 11.85 2.04
N GLY D 180 -3.71 12.05 3.20
CA GLY D 180 -4.15 13.10 4.11
C GLY D 180 -3.93 14.48 3.52
N GLN D 181 -4.69 15.43 4.01
CA GLN D 181 -4.81 16.72 3.36
C GLN D 181 -4.28 17.85 4.20
N ILE D 182 -3.96 18.94 3.52
CA ILE D 182 -3.46 20.15 4.16
C ILE D 182 -4.46 20.61 5.23
N GLY D 183 -3.96 20.87 6.44
CA GLY D 183 -4.81 21.30 7.53
C GLY D 183 -5.52 20.17 8.27
N GLN D 184 -5.31 18.94 7.83
CA GLN D 184 -6.04 17.79 8.37
C GLN D 184 -5.08 16.65 8.79
N THR D 185 -3.90 17.01 9.28
CA THR D 185 -2.92 16.02 9.73
C THR D 185 -3.42 15.18 10.92
N ALA D 186 -4.22 15.79 11.81
CA ALA D 186 -4.74 15.06 12.99
C ALA D 186 -5.67 13.95 12.52
N TYR D 187 -6.60 14.30 11.65
CA TYR D 187 -7.56 13.32 11.14
C TYR D 187 -6.83 12.23 10.33
N ALA D 188 -5.86 12.61 9.50
CA ALA D 188 -5.08 11.67 8.73
C ALA D 188 -4.36 10.66 9.63
N ALA D 189 -3.74 11.16 10.70
CA ALA D 189 -3.00 10.30 11.62
C ALA D 189 -3.95 9.33 12.33
N ALA D 190 -5.10 9.84 12.78
CA ALA D 190 -6.05 9.00 13.55
C ALA D 190 -6.60 7.87 12.68
N LYS D 191 -7.01 8.25 11.48
CA LYS D 191 -7.59 7.30 10.54
C LYS D 191 -6.57 6.30 9.97
N ALA D 192 -5.33 6.73 9.77
CA ALA D 192 -4.25 5.80 9.41
C ALA D 192 -3.99 4.81 10.52
N GLY D 193 -4.13 5.26 11.76
CA GLY D 193 -4.03 4.35 12.92
C GLY D 193 -5.07 3.26 12.85
N VAL D 194 -6.30 3.64 12.50
CA VAL D 194 -7.38 2.67 12.34
C VAL D 194 -7.08 1.68 11.20
N ILE D 195 -6.59 2.20 10.07
CA ILE D 195 -6.19 1.35 8.94
C ILE D 195 -5.18 0.27 9.38
N GLY D 196 -4.10 0.69 10.06
CA GLY D 196 -3.07 -0.22 10.54
C GLY D 196 -3.51 -1.20 11.59
N LEU D 197 -4.46 -0.79 12.41
CA LEU D 197 -5.05 -1.63 13.44
C LEU D 197 -5.77 -2.81 12.84
N THR D 198 -6.29 -2.66 11.62
CA THR D 198 -7.16 -3.68 11.01
C THR D 198 -6.50 -5.05 10.96
N ILE D 199 -5.36 -5.16 10.29
CA ILE D 199 -4.71 -6.47 10.14
C ILE D 199 -4.21 -6.97 11.49
N ALA D 200 -3.72 -6.06 12.35
CA ALA D 200 -3.22 -6.48 13.64
C ALA D 200 -4.34 -7.08 14.51
N ALA D 201 -5.50 -6.43 14.51
CA ALA D 201 -6.64 -6.89 15.29
C ALA D 201 -7.22 -8.20 14.73
N ALA D 202 -7.31 -8.32 13.42
CA ALA D 202 -7.75 -9.58 12.79
C ALA D 202 -6.84 -10.73 13.22
N ARG D 203 -5.53 -10.53 13.19
CA ARG D 203 -4.59 -11.58 13.61
C ARG D 203 -4.78 -11.91 15.10
N ASP D 204 -4.87 -10.87 15.91
CA ASP D 204 -5.09 -11.00 17.36
C ASP D 204 -6.35 -11.80 17.67
N LEU D 205 -7.44 -11.49 16.98
CA LEU D 205 -8.75 -12.11 17.24
C LEU D 205 -9.00 -13.37 16.41
N SER D 206 -8.03 -13.78 15.61
CA SER D 206 -8.22 -14.96 14.78
C SER D 206 -8.50 -16.22 15.61
N SER D 207 -7.91 -16.34 16.79
CA SER D 207 -8.13 -17.51 17.64
C SER D 207 -9.54 -17.56 18.22
N ALA D 208 -10.21 -16.42 18.29
CA ALA D 208 -11.59 -16.33 18.76
C ALA D 208 -12.61 -16.47 17.62
N GLY D 209 -12.16 -16.46 16.37
CA GLY D 209 -13.08 -16.53 15.24
C GLY D 209 -13.91 -15.28 15.12
N ILE D 210 -13.27 -14.13 15.32
CA ILE D 210 -13.87 -12.84 15.14
C ILE D 210 -13.11 -12.13 14.01
N ARG D 211 -13.79 -11.86 12.89
CA ARG D 211 -13.19 -11.16 11.76
C ARG D 211 -13.19 -9.65 12.04
N VAL D 212 -12.18 -8.96 11.52
CA VAL D 212 -12.08 -7.51 11.65
C VAL D 212 -11.73 -6.92 10.26
N ASN D 213 -12.57 -6.01 9.79
CA ASN D 213 -12.34 -5.31 8.53
C ASN D 213 -12.69 -3.87 8.73
N THR D 214 -12.28 -3.05 7.77
CA THR D 214 -12.42 -1.59 7.89
C THR D 214 -12.93 -1.02 6.57
N ILE D 215 -13.85 -0.06 6.65
CA ILE D 215 -14.23 0.75 5.50
C ILE D 215 -13.52 2.08 5.57
N ALA D 216 -12.87 2.45 4.47
CA ALA D 216 -12.23 3.78 4.32
C ALA D 216 -13.05 4.59 3.34
N PRO D 217 -14.05 5.34 3.82
CA PRO D 217 -14.82 6.14 2.87
C PRO D 217 -14.06 7.32 2.28
N GLY D 218 -14.53 7.75 1.11
CA GLY D 218 -14.09 9.00 0.49
C GLY D 218 -15.04 10.09 0.99
N THR D 219 -15.60 10.89 0.09
CA THR D 219 -16.44 12.01 0.49
C THR D 219 -17.90 11.56 0.45
N MET D 220 -18.51 11.50 1.63
CA MET D 220 -19.85 10.95 1.80
C MET D 220 -20.84 12.06 2.16
N LYS D 221 -22.09 11.84 1.79
CA LYS D 221 -23.16 12.80 2.06
C LYS D 221 -23.65 12.58 3.48
N THR D 222 -22.88 13.11 4.43
CA THR D 222 -23.25 13.08 5.84
C THR D 222 -24.13 14.31 6.15
N PRO D 223 -24.76 14.35 7.33
CA PRO D 223 -25.70 15.45 7.59
C PRO D 223 -25.12 16.86 7.37
N ILE D 224 -23.85 17.07 7.71
CA ILE D 224 -23.17 18.36 7.43
C ILE D 224 -23.23 18.75 5.94
N MET D 225 -23.16 17.75 5.05
CA MET D 225 -23.25 17.97 3.60
C MET D 225 -24.68 18.15 3.08
N GLU D 226 -25.69 17.97 3.93
CA GLU D 226 -27.10 18.21 3.56
C GLU D 226 -27.37 19.69 3.22
N SER D 227 -26.57 20.60 3.77
CA SER D 227 -26.65 22.04 3.44
C SER D 227 -25.41 22.47 2.65
N ALA D 232 -22.07 23.96 -3.84
CA ALA D 232 -20.66 23.62 -3.74
C ALA D 232 -20.41 22.10 -3.55
N LEU D 233 -21.48 21.31 -3.63
CA LEU D 233 -21.36 19.84 -3.73
C LEU D 233 -20.55 19.49 -4.98
N ALA D 234 -20.74 20.28 -6.05
CA ALA D 234 -20.06 20.04 -7.31
C ALA D 234 -18.56 20.28 -7.19
N LYS D 235 -18.15 21.15 -6.26
CA LYS D 235 -16.72 21.35 -6.01
C LYS D 235 -16.10 20.05 -5.45
N PHE D 236 -16.80 19.42 -4.51
CA PHE D 236 -16.36 18.13 -3.98
C PHE D 236 -16.37 17.03 -5.04
N ALA D 237 -17.50 16.90 -5.75
CA ALA D 237 -17.66 15.86 -6.76
C ALA D 237 -16.69 15.97 -7.94
N ALA D 238 -16.02 17.11 -8.07
CA ALA D 238 -15.18 17.36 -9.22
C ALA D 238 -13.90 16.52 -9.22
N ASN D 239 -13.44 16.11 -8.04
CA ASN D 239 -12.27 15.23 -7.93
C ASN D 239 -12.71 13.74 -7.84
N ILE D 240 -14.01 13.48 -7.99
CA ILE D 240 -14.54 12.09 -7.84
C ILE D 240 -14.87 11.47 -9.22
N PRO D 241 -14.08 10.49 -9.67
CA PRO D 241 -14.24 9.97 -11.02
C PRO D 241 -15.63 9.44 -11.36
N PHE D 242 -16.13 8.46 -10.61
CA PHE D 242 -17.48 7.93 -10.82
C PHE D 242 -17.94 7.04 -9.66
N PRO D 243 -19.17 7.22 -9.17
CA PRO D 243 -20.11 8.24 -9.61
C PRO D 243 -19.66 9.61 -9.20
N LYS D 244 -20.01 10.61 -9.98
CA LYS D 244 -19.54 11.97 -9.78
C LYS D 244 -20.40 12.68 -8.78
N ARG D 245 -20.35 12.19 -7.55
CA ARG D 245 -21.17 12.69 -6.48
C ARG D 245 -20.62 12.12 -5.17
N LEU D 246 -21.16 12.60 -4.07
CA LEU D 246 -20.85 12.08 -2.75
C LEU D 246 -21.44 10.68 -2.57
N GLY D 247 -20.76 9.83 -1.82
CA GLY D 247 -21.30 8.50 -1.51
C GLY D 247 -22.51 8.58 -0.56
N THR D 248 -23.45 7.67 -0.69
CA THR D 248 -24.64 7.74 0.16
C THR D 248 -24.43 6.91 1.42
N PRO D 249 -25.13 7.31 2.51
CA PRO D 249 -25.10 6.48 3.71
C PRO D 249 -25.51 5.04 3.42
N ASP D 250 -26.49 4.84 2.54
CA ASP D 250 -26.92 3.48 2.18
C ASP D 250 -25.81 2.66 1.48
N GLU D 251 -24.99 3.33 0.67
CA GLU D 251 -23.83 2.63 0.06
C GLU D 251 -22.80 2.19 1.13
N PHE D 252 -22.57 3.04 2.12
CA PHE D 252 -21.75 2.67 3.28
C PHE D 252 -22.33 1.48 4.04
N ALA D 253 -23.62 1.54 4.32
CA ALA D 253 -24.29 0.49 5.07
C ALA D 253 -24.25 -0.84 4.32
N ASP D 254 -24.35 -0.79 2.99
CA ASP D 254 -24.28 -1.97 2.17
C ASP D 254 -22.88 -2.61 2.25
N ALA D 255 -21.84 -1.78 2.23
CA ALA D 255 -20.47 -2.24 2.39
C ALA D 255 -20.26 -2.86 3.77
N ALA D 256 -20.82 -2.24 4.80
CA ALA D 256 -20.68 -2.73 6.16
C ALA D 256 -21.39 -4.10 6.31
N ALA D 257 -22.59 -4.21 5.76
CA ALA D 257 -23.30 -5.49 5.74
C ALA D 257 -22.53 -6.61 5.02
N PHE D 258 -21.93 -6.30 3.88
CA PHE D 258 -21.11 -7.26 3.17
C PHE D 258 -19.91 -7.74 4.04
N LEU D 259 -19.25 -6.82 4.72
CA LEU D 259 -18.10 -7.15 5.56
C LEU D 259 -18.49 -8.01 6.75
N LEU D 260 -19.71 -7.83 7.25
CA LEU D 260 -20.25 -8.68 8.31
C LEU D 260 -20.68 -10.06 7.85
N THR D 261 -21.10 -10.22 6.58
CA THR D 261 -21.68 -11.49 6.10
C THR D 261 -20.76 -12.36 5.24
N ASN D 262 -19.82 -11.76 4.52
CA ASN D 262 -18.91 -12.58 3.71
C ASN D 262 -17.93 -13.30 4.63
N GLY D 263 -17.87 -14.62 4.56
CA GLY D 263 -17.10 -15.39 5.53
C GLY D 263 -15.58 -15.40 5.37
N TYR D 264 -15.03 -14.92 4.25
CA TYR D 264 -13.59 -15.04 4.02
C TYR D 264 -12.86 -13.70 4.05
N ILE D 265 -13.59 -12.58 3.99
CA ILE D 265 -12.95 -11.28 4.04
C ILE D 265 -12.52 -10.97 5.49
N ASN D 266 -11.23 -10.74 5.68
CA ASN D 266 -10.69 -10.52 7.01
C ASN D 266 -9.39 -9.74 6.94
N GLY D 267 -9.19 -8.82 7.87
CA GLY D 267 -7.97 -8.05 7.93
C GLY D 267 -7.80 -7.07 6.78
N GLU D 268 -8.92 -6.69 6.16
CA GLU D 268 -8.92 -5.92 4.93
C GLU D 268 -9.50 -4.53 5.16
N VAL D 269 -8.96 -3.57 4.45
CA VAL D 269 -9.48 -2.22 4.38
C VAL D 269 -10.13 -2.01 3.00
N MET D 270 -11.42 -1.67 2.99
CA MET D 270 -12.15 -1.44 1.77
C MET D 270 -12.32 0.05 1.50
N ARG D 271 -11.71 0.54 0.43
CA ARG D 271 -11.93 1.93 -0.01
C ARG D 271 -13.33 2.06 -0.62
N LEU D 272 -14.10 3.04 -0.18
CA LEU D 272 -15.47 3.26 -0.68
C LEU D 272 -15.55 4.74 -1.04
N ASP D 273 -15.17 5.08 -2.27
CA ASP D 273 -14.83 6.46 -2.61
C ASP D 273 -15.07 6.91 -4.05
N GLY D 274 -15.79 6.13 -4.86
CA GLY D 274 -16.03 6.50 -6.26
C GLY D 274 -14.74 6.73 -7.04
N ALA D 275 -13.69 6.01 -6.63
CA ALA D 275 -12.34 6.10 -7.20
C ALA D 275 -11.61 7.41 -6.91
N GLN D 276 -12.14 8.22 -5.99
CA GLN D 276 -11.46 9.42 -5.56
C GLN D 276 -10.11 9.11 -4.94
N ARG D 277 -9.12 9.95 -5.23
CA ARG D 277 -7.87 10.03 -4.45
C ARG D 277 -7.73 11.47 -3.94
N PHE D 278 -7.68 11.68 -2.61
CA PHE D 278 -7.66 13.05 -2.05
C PHE D 278 -6.47 13.86 -2.58
N THR D 279 -6.74 15.07 -3.05
CA THR D 279 -5.68 16.02 -3.41
C THR D 279 -5.22 16.74 -2.13
N PRO D 280 -4.11 17.51 -2.19
CA PRO D 280 -3.63 18.16 -0.95
C PRO D 280 -4.65 19.10 -0.31
N LYS D 281 -5.36 19.85 -1.15
CA LYS D 281 -6.39 20.79 -0.73
C LYS D 281 -7.59 20.60 -1.65
MG MG E . -27.85 -22.95 -21.60
MG MG F . -12.07 -21.49 -14.10
C1 GOL G . -8.02 -19.05 -20.53
O1 GOL G . -6.99 -19.44 -21.42
C2 GOL G . -9.36 -19.02 -21.26
O2 GOL G . -9.20 -18.21 -22.42
C3 GOL G . -10.45 -18.43 -20.37
O3 GOL G . -10.97 -19.36 -19.44
MG MG H . 29.43 17.99 23.71
MG MG I . 17.26 5.61 21.50
MG MG J . 35.17 4.87 -22.40
MG MG K . 17.83 7.05 -20.75
C1 GOL L . 15.56 0.47 -24.70
O1 GOL L . 14.77 0.00 -25.78
C2 GOL L . 17.00 -0.02 -24.88
O2 GOL L . 16.98 -1.39 -25.17
C3 GOL L . 17.83 0.23 -23.62
O3 GOL L . 17.91 1.61 -23.34
MG MG M . -37.00 0.86 20.00
MG MG N . -23.53 9.20 12.81
C1 GOL O . -19.01 10.02 19.68
O1 GOL O . -18.49 10.98 20.58
C2 GOL O . -20.00 9.16 20.45
O2 GOL O . -19.31 8.68 21.60
C3 GOL O . -20.54 8.01 19.57
O3 GOL O . -21.44 8.48 18.59
#